data_4G3D
#
_entry.id   4G3D
#
_cell.length_a   45.746
_cell.length_b   145.851
_cell.length_c   230.818
_cell.angle_alpha   90.00
_cell.angle_beta   90.00
_cell.angle_gamma   90.00
#
_symmetry.space_group_name_H-M   'P 21 21 21'
#
loop_
_entity.id
_entity.type
_entity.pdbx_description
1 polymer 'NF-kappa-beta-inducing kinase'
2 non-polymer 'MAGNESIUM ION'
3 water water
#
_entity_poly.entity_id   1
_entity_poly.type   'polypeptide(L)'
_entity_poly.pdbx_seq_one_letter_code
;GSDSPKPLPGPHLEPSCLSRGAHEKFSVEEYLVHALQGSVSSGQAHSLTSLAKTWAARGSRSREPSPKTEDNEGVLLTEK
LKPVDYEYREEVHWATHQLRLGRGSFGEVHRMEDKQTGFQCAVKKVRLEVFRAEELMACAGLTSPRIVPLYGAVREGPWV
NIFMELLEGGSLGQLVKEQGCLPEDRALYYLGQALEGLEYLHSRRILHGDVKADNVLLSSDGSHAALCDFGHAVCLQPDG
LGKSLLTGDYIPGTETHMAPEVVLGRSCDAKVDVWSSCCMMLHMLNGCHPWTQFFRGPLCLKIASEPPPVREIPPSCAPL
TAQAIQEGLRKEPIHRVSAAELGGKVNRALQQVGGLKSPWRGEYKEPRGNS
;
_entity_poly.pdbx_strand_id   A,B,D,E
#
loop_
_chem_comp.id
_chem_comp.type
_chem_comp.name
_chem_comp.formula
MG non-polymer 'MAGNESIUM ION' 'Mg 2'
#
# COMPACT_ATOMS: atom_id res chain seq x y z
N SER A 27 -2.91 31.50 -18.10
CA SER A 27 -1.74 31.62 -19.00
C SER A 27 -1.70 30.40 -19.92
N VAL A 28 -1.31 29.26 -19.34
CA VAL A 28 -1.38 27.97 -20.00
C VAL A 28 -2.80 27.44 -19.79
N GLU A 29 -3.40 27.86 -18.68
CA GLU A 29 -4.78 27.53 -18.37
C GLU A 29 -5.73 28.20 -19.37
N GLU A 30 -5.32 29.35 -19.90
CA GLU A 30 -6.09 30.09 -20.89
C GLU A 30 -6.16 29.36 -22.23
N TYR A 31 -4.99 28.99 -22.76
CA TYR A 31 -4.92 28.16 -23.97
C TYR A 31 -5.68 26.85 -23.77
N LEU A 32 -5.58 26.31 -22.56
CA LEU A 32 -6.24 25.08 -22.18
C LEU A 32 -7.77 25.17 -22.24
N VAL A 33 -8.36 26.15 -21.54
CA VAL A 33 -9.82 26.28 -21.52
C VAL A 33 -10.40 26.44 -22.93
N HIS A 34 -9.77 27.27 -23.77
CA HIS A 34 -10.21 27.45 -25.14
C HIS A 34 -10.34 26.15 -25.90
N ALA A 35 -9.47 25.19 -25.57
CA ALA A 35 -9.57 23.85 -26.12
C ALA A 35 -10.83 23.13 -25.61
N LEU A 36 -11.10 23.27 -24.31
CA LEU A 36 -12.22 22.57 -23.65
C LEU A 36 -13.57 23.09 -24.07
N GLN A 37 -13.63 24.38 -24.39
CA GLN A 37 -14.88 25.03 -24.73
C GLN A 37 -15.53 24.43 -25.99
N GLY A 38 -16.83 24.65 -26.14
CA GLY A 38 -17.58 24.27 -27.33
C GLY A 38 -17.88 22.79 -27.47
N SER A 39 -17.56 22.01 -26.43
CA SER A 39 -17.66 20.55 -26.49
C SER A 39 -17.91 19.91 -25.13
N VAL A 40 -18.65 18.79 -25.13
CA VAL A 40 -18.82 17.98 -23.92
C VAL A 40 -17.89 16.78 -24.01
N SER A 41 -16.95 16.68 -23.07
CA SER A 41 -15.98 15.57 -23.07
C SER A 41 -16.02 14.75 -21.78
N SER A 42 -15.39 13.58 -21.83
CA SER A 42 -15.19 12.75 -20.65
C SER A 42 -13.77 12.99 -20.14
N GLY A 43 -13.65 13.74 -19.05
CA GLY A 43 -12.35 14.11 -18.51
C GLY A 43 -12.17 14.03 -17.02
N GLN A 44 -11.21 14.80 -16.52
CA GLN A 44 -10.88 14.84 -15.11
C GLN A 44 -11.47 16.09 -14.48
N ALA A 45 -11.35 16.21 -13.16
CA ALA A 45 -11.90 17.34 -12.41
C ALA A 45 -11.25 18.70 -12.72
N HIS A 46 -9.93 18.72 -12.97
CA HIS A 46 -9.20 19.97 -13.21
C HIS A 46 -9.73 20.69 -14.40
N SER A 47 -10.07 19.91 -15.43
CA SER A 47 -10.65 20.47 -16.63
C SER A 47 -11.97 21.12 -16.27
N LEU A 48 -12.81 20.38 -15.55
CA LEU A 48 -14.12 20.87 -15.16
C LEU A 48 -14.00 22.18 -14.39
N THR A 49 -13.13 22.19 -13.39
CA THR A 49 -12.82 23.37 -12.58
C THR A 49 -12.40 24.59 -13.42
N SER A 50 -11.43 24.38 -14.31
CA SER A 50 -10.94 25.43 -15.18
C SER A 50 -12.08 25.95 -16.04
N LEU A 51 -12.80 25.04 -16.68
CA LEU A 51 -13.95 25.40 -17.49
C LEU A 51 -14.94 26.18 -16.67
N ALA A 52 -15.16 25.71 -15.43
CA ALA A 52 -16.11 26.32 -14.52
C ALA A 52 -15.87 27.82 -14.33
N LYS A 53 -14.59 28.20 -14.18
CA LYS A 53 -14.20 29.60 -14.03
C LYS A 53 -14.67 30.44 -15.22
N THR A 54 -14.53 29.88 -16.42
CA THR A 54 -15.08 30.46 -17.63
C THR A 54 -16.57 30.81 -17.47
N TRP A 55 -17.35 29.85 -16.96
CA TRP A 55 -18.79 30.03 -16.80
C TRP A 55 -19.13 31.12 -15.84
N ALA A 56 -18.32 31.27 -14.80
CA ALA A 56 -18.51 32.30 -13.79
C ALA A 56 -17.97 33.67 -14.24
N ALA A 57 -17.95 33.91 -15.54
CA ALA A 57 -17.45 35.17 -16.10
C ALA A 57 -18.07 35.49 -17.46
N ASP A 71 -25.61 26.13 -27.45
CA ASP A 71 -24.24 26.27 -26.96
C ASP A 71 -23.99 25.33 -25.80
N ASN A 72 -23.37 24.19 -26.11
CA ASN A 72 -23.34 23.01 -25.22
C ASN A 72 -21.91 22.55 -24.98
N GLU A 73 -21.47 22.65 -23.72
CA GLU A 73 -20.07 22.36 -23.36
C GLU A 73 -19.99 21.87 -21.92
N GLY A 74 -18.97 21.07 -21.63
CA GLY A 74 -18.74 20.62 -20.26
C GLY A 74 -17.82 19.44 -20.14
N VAL A 75 -17.69 18.94 -18.90
CA VAL A 75 -16.89 17.76 -18.59
C VAL A 75 -17.73 16.78 -17.77
N LEU A 76 -17.61 15.48 -18.08
CA LEU A 76 -18.24 14.42 -17.31
C LEU A 76 -17.19 13.49 -16.70
N LEU A 77 -17.30 13.24 -15.40
CA LEU A 77 -16.24 12.57 -14.64
C LEU A 77 -16.51 11.07 -14.37
N THR A 78 -17.54 10.53 -15.00
CA THR A 78 -17.85 9.12 -14.85
C THR A 78 -18.25 8.48 -16.17
N GLU A 79 -17.88 7.22 -16.32
CA GLU A 79 -18.15 6.43 -17.53
C GLU A 79 -19.65 6.34 -17.83
N LYS A 80 -20.46 6.26 -16.78
CA LYS A 80 -21.90 6.05 -16.91
C LYS A 80 -22.65 7.27 -17.47
N LEU A 81 -21.98 8.41 -17.55
CA LEU A 81 -22.57 9.57 -18.23
C LEU A 81 -21.72 9.84 -19.47
N LYS A 82 -22.32 9.61 -20.62
CA LYS A 82 -21.57 9.52 -21.87
C LYS A 82 -22.07 10.53 -22.89
N PRO A 83 -21.18 11.44 -23.32
CA PRO A 83 -21.62 12.35 -24.37
C PRO A 83 -21.76 11.59 -25.68
N VAL A 84 -22.49 12.19 -26.61
CA VAL A 84 -22.57 11.67 -27.96
C VAL A 84 -22.20 12.81 -28.90
N ASP A 85 -21.21 12.55 -29.74
CA ASP A 85 -20.75 13.50 -30.74
C ASP A 85 -20.63 14.92 -30.21
N TYR A 86 -19.78 15.08 -29.19
CA TYR A 86 -19.40 16.40 -28.66
C TYR A 86 -20.52 17.08 -27.85
N GLU A 87 -21.65 16.40 -27.70
CA GLU A 87 -22.82 17.01 -27.06
C GLU A 87 -23.42 16.18 -25.94
N TYR A 88 -24.04 16.86 -24.99
CA TYR A 88 -24.85 16.23 -23.96
C TYR A 88 -25.99 17.17 -23.63
N ARG A 89 -27.10 17.03 -24.35
CA ARG A 89 -28.24 17.94 -24.25
C ARG A 89 -29.43 17.30 -23.56
N GLU A 90 -30.13 18.11 -22.75
CA GLU A 90 -31.36 17.69 -22.08
C GLU A 90 -32.44 17.31 -23.09
N GLU A 91 -33.18 16.25 -22.78
CA GLU A 91 -34.23 15.67 -23.63
C GLU A 91 -33.69 14.96 -24.88
N VAL A 92 -32.42 15.19 -25.21
CA VAL A 92 -31.80 14.52 -26.33
C VAL A 92 -30.95 13.34 -25.87
N HIS A 93 -30.02 13.60 -24.95
CA HIS A 93 -29.07 12.58 -24.49
C HIS A 93 -29.37 12.13 -23.09
N TRP A 94 -30.00 13.00 -22.32
CA TRP A 94 -30.48 12.63 -21.01
C TRP A 94 -31.80 13.29 -20.74
N ALA A 95 -32.64 12.61 -19.96
CA ALA A 95 -33.97 13.10 -19.65
C ALA A 95 -34.16 13.27 -18.16
N THR A 96 -35.03 14.21 -17.80
CA THR A 96 -35.32 14.54 -16.42
C THR A 96 -36.51 13.73 -15.90
N HIS A 97 -36.49 13.44 -14.60
CA HIS A 97 -37.61 12.85 -13.87
C HIS A 97 -37.82 13.61 -12.61
N GLY A 102 -38.84 17.39 -8.29
CA GLY A 102 -37.92 18.47 -7.93
C GLY A 102 -37.79 18.62 -6.43
N ARG A 103 -36.56 18.58 -5.93
CA ARG A 103 -36.29 18.68 -4.49
C ARG A 103 -35.03 19.46 -4.09
N GLY A 104 -35.16 20.78 -4.07
CA GLY A 104 -34.17 21.65 -3.44
C GLY A 104 -34.91 22.87 -2.93
N SER A 105 -34.17 23.77 -2.27
CA SER A 105 -34.72 25.05 -1.86
C SER A 105 -35.48 25.73 -3.02
N PHE A 106 -35.06 25.46 -4.26
CA PHE A 106 -35.63 26.09 -5.45
C PHE A 106 -36.28 25.10 -6.43
N GLY A 107 -36.42 23.84 -6.02
CA GLY A 107 -36.92 22.79 -6.91
C GLY A 107 -36.01 22.66 -8.11
N GLU A 108 -34.72 22.76 -7.82
CA GLU A 108 -33.62 22.90 -8.79
C GLU A 108 -33.01 21.56 -9.12
N VAL A 109 -33.35 20.54 -8.31
CA VAL A 109 -32.70 19.23 -8.35
C VAL A 109 -33.68 18.15 -8.80
N HIS A 110 -33.29 17.35 -9.79
CA HIS A 110 -34.15 16.30 -10.30
C HIS A 110 -33.40 15.02 -10.48
N ARG A 111 -34.14 13.91 -10.41
CA ARG A 111 -33.63 12.62 -10.83
C ARG A 111 -33.45 12.71 -12.34
N MET A 112 -32.34 12.21 -12.85
CA MET A 112 -32.13 12.14 -14.29
C MET A 112 -31.73 10.72 -14.69
N GLU A 113 -31.70 10.50 -16.00
CA GLU A 113 -31.30 9.24 -16.60
C GLU A 113 -30.59 9.52 -17.92
N ASP A 114 -29.44 8.89 -18.09
CA ASP A 114 -28.69 8.98 -19.33
C ASP A 114 -29.33 8.02 -20.34
N LYS A 115 -29.79 8.57 -21.47
CA LYS A 115 -30.60 7.82 -22.45
C LYS A 115 -29.86 6.70 -23.14
N GLN A 116 -28.54 6.76 -23.11
CA GLN A 116 -27.73 5.75 -23.75
C GLN A 116 -27.40 4.68 -22.74
N THR A 117 -26.93 5.11 -21.56
CA THR A 117 -26.32 4.22 -20.61
C THR A 117 -27.31 3.58 -19.62
N GLY A 118 -28.47 4.23 -19.42
CA GLY A 118 -29.47 3.76 -18.44
C GLY A 118 -29.24 4.18 -16.99
N PHE A 119 -28.10 4.82 -16.74
CA PHE A 119 -27.69 5.25 -15.40
C PHE A 119 -28.51 6.42 -14.89
N GLN A 120 -28.87 6.36 -13.60
CA GLN A 120 -29.68 7.38 -12.95
C GLN A 120 -28.92 8.10 -11.85
N CYS A 121 -28.92 9.42 -11.92
CA CYS A 121 -28.32 10.24 -10.89
C CYS A 121 -29.12 11.53 -10.74
N ALA A 122 -28.55 12.54 -10.09
CA ALA A 122 -29.24 13.78 -9.83
C ALA A 122 -28.66 14.94 -10.63
N VAL A 123 -29.52 15.86 -11.08
CA VAL A 123 -29.09 17.09 -11.74
C VAL A 123 -29.47 18.28 -10.90
N LYS A 124 -28.50 19.14 -10.64
CA LYS A 124 -28.80 20.43 -10.06
C LYS A 124 -28.71 21.49 -11.16
N LYS A 125 -29.85 22.06 -11.51
CA LYS A 125 -29.87 23.15 -12.47
C LYS A 125 -29.49 24.46 -11.78
N VAL A 126 -28.53 25.15 -12.36
CA VAL A 126 -28.15 26.47 -11.87
C VAL A 126 -28.10 27.41 -13.06
N ARG A 127 -28.70 28.59 -12.90
CA ARG A 127 -28.66 29.63 -13.92
C ARG A 127 -27.22 30.10 -14.12
N LEU A 128 -26.88 30.40 -15.37
CA LEU A 128 -25.52 30.78 -15.74
C LEU A 128 -25.05 32.11 -15.14
N GLU A 129 -25.93 33.10 -15.15
CA GLU A 129 -25.57 34.44 -14.71
C GLU A 129 -25.35 34.52 -13.20
N VAL A 130 -25.75 33.47 -12.49
CA VAL A 130 -25.65 33.41 -11.04
C VAL A 130 -24.54 32.45 -10.65
N PHE A 131 -24.23 31.52 -11.55
CA PHE A 131 -23.26 30.43 -11.30
C PHE A 131 -21.92 30.86 -10.69
N ARG A 132 -21.42 30.05 -9.76
CA ARG A 132 -20.12 30.26 -9.12
C ARG A 132 -19.29 29.00 -9.28
N ALA A 133 -18.06 29.13 -9.75
CA ALA A 133 -17.18 27.96 -9.96
C ALA A 133 -16.94 27.18 -8.65
N GLU A 134 -17.01 27.88 -7.53
CA GLU A 134 -16.85 27.29 -6.22
C GLU A 134 -17.83 26.16 -5.95
N GLU A 135 -18.99 26.15 -6.63
CA GLU A 135 -19.89 25.00 -6.57
C GLU A 135 -19.19 23.72 -6.97
N LEU A 136 -18.39 23.79 -8.02
CA LEU A 136 -17.61 22.65 -8.47
C LEU A 136 -16.24 22.58 -7.80
N MET A 137 -15.62 23.74 -7.57
CA MET A 137 -14.27 23.80 -6.98
C MET A 137 -14.22 23.10 -5.62
N ALA A 138 -15.25 23.33 -4.82
CA ALA A 138 -15.33 22.75 -3.49
C ALA A 138 -16.02 21.39 -3.51
N CYS A 139 -15.79 20.62 -4.58
CA CYS A 139 -16.64 19.46 -4.83
C CYS A 139 -15.99 18.42 -5.72
N ALA A 140 -15.43 18.87 -6.84
CA ALA A 140 -14.82 18.03 -7.84
C ALA A 140 -13.62 17.29 -7.30
N GLY A 141 -13.59 15.97 -7.54
CA GLY A 141 -12.48 15.12 -7.16
C GLY A 141 -12.18 15.05 -5.68
N LEU A 142 -13.11 15.53 -4.86
CA LEU A 142 -12.96 15.44 -3.42
C LEU A 142 -13.38 14.06 -2.96
N THR A 143 -12.39 13.22 -2.72
CA THR A 143 -12.58 11.82 -2.36
C THR A 143 -12.85 11.70 -0.86
N SER A 144 -14.10 11.97 -0.50
CA SER A 144 -14.59 11.82 0.86
C SER A 144 -15.98 11.24 0.78
N PRO A 145 -16.28 10.27 1.67
CA PRO A 145 -17.62 9.68 1.70
C PRO A 145 -18.64 10.58 2.37
N ARG A 146 -18.17 11.68 2.95
CA ARG A 146 -19.02 12.64 3.65
C ARG A 146 -19.41 13.83 2.76
N ILE A 147 -19.00 13.78 1.49
CA ILE A 147 -19.29 14.83 0.53
C ILE A 147 -19.86 14.15 -0.70
N VAL A 148 -21.09 14.52 -1.04
CA VAL A 148 -21.74 13.92 -2.20
C VAL A 148 -20.82 14.03 -3.41
N PRO A 149 -20.55 12.90 -4.06
CA PRO A 149 -19.67 12.89 -5.22
C PRO A 149 -20.28 13.69 -6.37
N LEU A 150 -19.41 14.34 -7.12
CA LEU A 150 -19.80 15.07 -8.32
C LEU A 150 -19.57 14.17 -9.51
N TYR A 151 -20.58 14.06 -10.38
CA TYR A 151 -20.49 13.21 -11.57
C TYR A 151 -20.09 13.94 -12.86
N GLY A 152 -20.26 15.26 -12.88
CA GLY A 152 -19.88 16.08 -14.02
C GLY A 152 -20.69 17.35 -14.00
N ALA A 153 -20.37 18.28 -14.90
CA ALA A 153 -21.16 19.50 -15.06
C ALA A 153 -21.17 19.93 -16.52
N VAL A 154 -22.35 20.24 -17.03
CA VAL A 154 -22.54 20.55 -18.45
C VAL A 154 -23.36 21.82 -18.65
N ARG A 155 -22.78 22.78 -19.37
CA ARG A 155 -23.50 24.00 -19.72
C ARG A 155 -24.29 23.78 -20.99
N GLU A 156 -25.55 24.21 -20.98
CA GLU A 156 -26.43 24.19 -22.13
C GLU A 156 -27.21 25.50 -22.12
N GLY A 157 -26.88 26.40 -23.05
CA GLY A 157 -27.53 27.71 -23.09
C GLY A 157 -27.21 28.51 -21.84
N PRO A 158 -28.24 29.05 -21.17
CA PRO A 158 -28.10 29.81 -19.92
C PRO A 158 -28.11 28.93 -18.66
N TRP A 159 -28.05 27.62 -18.85
CA TRP A 159 -28.13 26.67 -17.75
C TRP A 159 -26.83 25.98 -17.51
N VAL A 160 -26.46 25.88 -16.25
CA VAL A 160 -25.40 24.96 -15.86
C VAL A 160 -26.07 23.75 -15.20
N ASN A 161 -25.92 22.59 -15.83
CA ASN A 161 -26.43 21.36 -15.28
C ASN A 161 -25.35 20.62 -14.54
N ILE A 162 -25.50 20.56 -13.22
CA ILE A 162 -24.52 19.92 -12.35
C ILE A 162 -24.97 18.50 -11.96
N PHE A 163 -24.21 17.50 -12.41
CA PHE A 163 -24.57 16.10 -12.16
C PHE A 163 -23.86 15.51 -10.93
N MET A 164 -24.61 14.75 -10.13
CA MET A 164 -24.08 14.18 -8.88
C MET A 164 -24.87 12.95 -8.46
N GLU A 165 -24.27 12.15 -7.59
CA GLU A 165 -24.91 10.98 -7.02
C GLU A 165 -26.26 11.30 -6.45
N LEU A 166 -27.21 10.42 -6.70
CA LEU A 166 -28.53 10.52 -6.14
C LEU A 166 -28.52 9.70 -4.87
N LEU A 167 -28.60 10.35 -3.73
CA LEU A 167 -28.68 9.63 -2.47
C LEU A 167 -30.14 9.32 -2.15
N GLU A 168 -30.41 8.05 -1.90
CA GLU A 168 -31.78 7.53 -1.89
C GLU A 168 -32.64 7.92 -0.69
N GLY A 169 -31.99 8.27 0.42
CA GLY A 169 -32.72 8.60 1.65
C GLY A 169 -33.13 10.04 1.84
N GLY A 170 -32.84 10.91 0.87
CA GLY A 170 -33.24 12.32 0.93
C GLY A 170 -32.42 13.17 1.90
N SER A 171 -32.89 14.39 2.14
CA SER A 171 -32.17 15.34 2.99
C SER A 171 -32.47 15.17 4.48
N LEU A 172 -31.46 15.46 5.29
CA LEU A 172 -31.62 15.51 6.73
C LEU A 172 -32.73 16.47 7.13
N GLY A 173 -32.92 17.53 6.33
CA GLY A 173 -34.02 18.47 6.52
C GLY A 173 -35.39 17.81 6.45
N GLN A 174 -35.62 17.05 5.36
CA GLN A 174 -36.87 16.30 5.18
C GLN A 174 -37.13 15.36 6.35
N LEU A 175 -36.06 14.75 6.86
CA LEU A 175 -36.17 13.81 7.98
C LEU A 175 -36.70 14.49 9.23
N VAL A 176 -36.18 15.68 9.53
CA VAL A 176 -36.62 16.50 10.65
C VAL A 176 -38.09 16.91 10.47
N LYS A 177 -38.47 17.29 9.24
CA LYS A 177 -39.86 17.64 8.95
C LYS A 177 -40.80 16.48 9.20
N GLU A 178 -40.43 15.30 8.71
CA GLU A 178 -41.26 14.11 8.79
C GLU A 178 -41.50 13.69 10.23
N GLN A 179 -40.44 13.73 11.03
CA GLN A 179 -40.51 13.33 12.44
C GLN A 179 -40.17 14.48 13.39
N GLY A 180 -40.94 15.57 13.31
CA GLY A 180 -40.78 16.73 14.19
C GLY A 180 -39.36 17.10 14.56
N CYS A 181 -38.72 16.27 15.40
CA CYS A 181 -37.31 16.41 15.74
C CYS A 181 -36.64 15.04 15.89
N LEU A 182 -35.33 15.06 16.07
CA LEU A 182 -34.57 13.81 16.13
C LEU A 182 -34.13 13.48 17.54
N PRO A 183 -34.01 12.18 17.85
CA PRO A 183 -33.44 11.81 19.13
C PRO A 183 -31.99 12.31 19.23
N GLU A 184 -31.58 12.63 20.44
CA GLU A 184 -30.25 13.16 20.73
C GLU A 184 -29.12 12.36 20.08
N ASP A 185 -29.13 11.04 20.27
CA ASP A 185 -28.07 10.19 19.70
C ASP A 185 -28.07 10.25 18.17
N ARG A 186 -29.26 10.24 17.58
CA ARG A 186 -29.40 10.35 16.14
C ARG A 186 -28.92 11.73 15.69
N ALA A 187 -29.29 12.75 16.46
CA ALA A 187 -28.86 14.13 16.21
C ALA A 187 -27.35 14.27 16.25
N LEU A 188 -26.75 13.67 17.28
CA LEU A 188 -25.30 13.67 17.43
C LEU A 188 -24.62 12.94 16.28
N TYR A 189 -25.17 11.79 15.92
CA TYR A 189 -24.66 10.99 14.81
C TYR A 189 -24.47 11.79 13.53
N TYR A 190 -25.51 12.52 13.12
CA TYR A 190 -25.47 13.24 11.85
C TYR A 190 -24.60 14.49 11.90
N LEU A 191 -24.63 15.19 13.04
CA LEU A 191 -23.73 16.31 13.23
C LEU A 191 -22.30 15.83 13.09
N GLY A 192 -22.01 14.68 13.72
CA GLY A 192 -20.68 14.08 13.70
C GLY A 192 -20.18 13.87 12.29
N GLN A 193 -21.06 13.36 11.43
CA GLN A 193 -20.71 13.06 10.05
C GLN A 193 -20.56 14.30 9.20
N ALA A 194 -21.39 15.32 9.47
CA ALA A 194 -21.26 16.61 8.79
C ALA A 194 -19.93 17.28 9.15
N LEU A 195 -19.48 17.08 10.39
CA LEU A 195 -18.25 17.68 10.87
C LEU A 195 -17.03 17.04 10.22
N GLU A 196 -17.08 15.72 10.04
CA GLU A 196 -16.01 15.00 9.32
C GLU A 196 -15.86 15.55 7.91
N GLY A 197 -16.99 15.82 7.25
CA GLY A 197 -16.99 16.43 5.93
C GLY A 197 -16.46 17.86 5.90
N LEU A 198 -16.72 18.62 6.96
CA LEU A 198 -16.26 20.01 7.04
C LEU A 198 -14.78 20.11 7.34
N GLU A 199 -14.32 19.16 8.16
CA GLU A 199 -12.92 19.04 8.50
C GLU A 199 -12.10 18.77 7.23
N TYR A 200 -12.68 17.97 6.35
CA TYR A 200 -12.13 17.72 5.01
C TYR A 200 -12.01 19.04 4.23
N LEU A 201 -13.13 19.75 4.08
CA LEU A 201 -13.16 21.02 3.35
C LEU A 201 -12.18 22.05 3.90
N HIS A 202 -12.21 22.25 5.22
CA HIS A 202 -11.44 23.32 5.86
C HIS A 202 -9.97 23.10 5.75
N SER A 203 -9.54 21.86 5.92
CA SER A 203 -8.12 21.49 5.80
C SER A 203 -7.62 21.71 4.37
N ARG A 204 -8.56 21.81 3.43
CA ARG A 204 -8.23 22.13 2.05
C ARG A 204 -8.50 23.59 1.70
N ARG A 205 -8.63 24.41 2.74
CA ARG A 205 -8.87 25.86 2.60
C ARG A 205 -10.25 26.20 2.01
N ILE A 206 -11.22 25.32 2.25
CA ILE A 206 -12.55 25.48 1.68
C ILE A 206 -13.63 25.59 2.76
N LEU A 207 -14.50 26.58 2.58
CA LEU A 207 -15.60 26.89 3.48
C LEU A 207 -16.91 26.59 2.74
N HIS A 208 -17.81 25.83 3.37
CA HIS A 208 -19.09 25.43 2.74
C HIS A 208 -20.03 26.58 2.51
N GLY A 209 -20.25 27.39 3.56
CA GLY A 209 -21.03 28.62 3.44
C GLY A 209 -22.50 28.54 3.81
N ASP A 210 -23.07 27.34 3.73
CA ASP A 210 -24.49 27.15 3.95
C ASP A 210 -24.77 25.74 4.51
N VAL A 211 -24.21 25.47 5.69
CA VAL A 211 -24.41 24.20 6.37
C VAL A 211 -25.76 24.22 7.05
N LYS A 212 -26.60 23.24 6.71
CA LYS A 212 -27.90 23.04 7.35
C LYS A 212 -28.48 21.69 6.92
N ALA A 213 -29.47 21.21 7.67
CA ALA A 213 -30.08 19.90 7.42
C ALA A 213 -30.48 19.67 5.96
N ASP A 214 -31.07 20.67 5.31
CA ASP A 214 -31.46 20.55 3.90
C ASP A 214 -30.25 20.27 3.00
N ASN A 215 -29.09 20.77 3.41
CA ASN A 215 -27.87 20.56 2.65
C ASN A 215 -27.05 19.37 3.15
N VAL A 216 -27.70 18.47 3.88
CA VAL A 216 -27.10 17.20 4.25
C VAL A 216 -27.99 16.10 3.69
N LEU A 217 -27.39 15.15 2.99
CA LEU A 217 -28.14 14.09 2.34
C LEU A 217 -27.87 12.74 2.98
N LEU A 218 -28.84 11.84 2.90
CA LEU A 218 -28.78 10.56 3.59
C LEU A 218 -28.89 9.35 2.67
N SER A 219 -28.18 8.29 3.02
CA SER A 219 -28.23 7.03 2.29
C SER A 219 -29.55 6.30 2.49
N SER A 220 -29.74 5.21 1.75
CA SER A 220 -30.97 4.42 1.76
C SER A 220 -31.43 4.02 3.17
N ASP A 221 -30.48 3.57 3.99
CA ASP A 221 -30.76 3.16 5.36
C ASP A 221 -30.68 4.29 6.40
N GLY A 222 -30.17 5.45 5.98
CA GLY A 222 -29.95 6.56 6.90
C GLY A 222 -28.66 6.42 7.68
N SER A 223 -27.86 5.43 7.30
CA SER A 223 -26.59 5.14 7.94
C SER A 223 -25.54 6.20 7.63
N HIS A 224 -25.52 6.66 6.38
CA HIS A 224 -24.53 7.62 5.91
C HIS A 224 -25.12 8.98 5.69
N ALA A 225 -24.32 10.01 5.98
CA ALA A 225 -24.70 11.39 5.70
C ALA A 225 -23.57 12.11 4.98
N ALA A 226 -23.94 12.96 4.04
CA ALA A 226 -22.96 13.65 3.21
C ALA A 226 -23.46 15.04 2.80
N LEU A 227 -22.53 15.99 2.80
CA LEU A 227 -22.83 17.38 2.47
C LEU A 227 -23.04 17.55 0.97
N CYS A 228 -23.84 18.56 0.62
CA CYS A 228 -24.07 18.95 -0.76
C CYS A 228 -24.40 20.45 -0.82
N ASP A 229 -24.91 20.91 -1.97
CA ASP A 229 -25.08 22.35 -2.24
C ASP A 229 -23.90 23.21 -1.81
N PHE A 230 -22.91 23.33 -2.69
CA PHE A 230 -21.74 24.15 -2.44
C PHE A 230 -21.85 25.53 -3.12
N GLY A 231 -23.08 25.95 -3.39
CA GLY A 231 -23.35 27.23 -4.07
C GLY A 231 -22.84 28.46 -3.34
N HIS A 232 -22.68 28.33 -2.02
CA HIS A 232 -22.21 29.42 -1.16
C HIS A 232 -20.79 29.22 -0.70
N ALA A 233 -20.11 28.26 -1.32
CA ALA A 233 -18.74 27.94 -0.94
C ALA A 233 -17.77 29.04 -1.33
N VAL A 234 -16.72 29.23 -0.53
CA VAL A 234 -15.69 30.20 -0.87
C VAL A 234 -14.31 29.56 -0.71
N CYS A 235 -13.38 29.99 -1.55
CA CYS A 235 -12.03 29.46 -1.53
C CYS A 235 -11.13 30.41 -0.78
N LEU A 236 -10.69 29.97 0.40
CA LEU A 236 -9.89 30.79 1.29
C LEU A 236 -8.49 30.98 0.72
N GLN A 237 -8.14 32.23 0.49
CA GLN A 237 -6.85 32.59 -0.10
C GLN A 237 -5.71 32.47 0.92
N PRO A 238 -4.46 32.29 0.45
CA PRO A 238 -3.22 32.04 1.21
C PRO A 238 -3.11 32.58 2.64
N ASP A 239 -3.79 33.68 2.95
CA ASP A 239 -3.69 34.32 4.27
C ASP A 239 -4.73 33.82 5.30
N GLY A 240 -5.07 32.53 5.21
CA GLY A 240 -5.96 31.89 6.18
C GLY A 240 -7.43 32.26 6.02
N LEU A 241 -7.80 33.40 6.61
CA LEU A 241 -9.18 33.89 6.60
C LEU A 241 -9.40 34.88 5.48
N GLY A 242 -10.61 34.93 4.94
CA GLY A 242 -10.88 35.78 3.79
C GLY A 242 -12.26 36.37 3.57
N LYS A 243 -12.29 37.33 2.66
CA LYS A 243 -13.50 37.87 2.00
C LYS A 243 -14.24 38.95 2.76
N SER A 244 -15.39 38.59 3.35
CA SER A 244 -16.32 39.54 3.98
C SER A 244 -17.58 39.64 3.13
N LEU A 245 -18.75 39.59 3.78
CA LEU A 245 -20.05 39.68 3.11
C LEU A 245 -20.26 40.98 2.32
N LEU A 246 -19.77 42.09 2.87
CA LEU A 246 -20.01 43.42 2.31
C LEU A 246 -19.18 43.72 1.06
N THR A 247 -18.01 43.08 0.93
CA THR A 247 -17.21 43.21 -0.29
C THR A 247 -17.86 42.47 -1.48
N GLY A 248 -18.62 41.43 -1.18
CA GLY A 248 -19.39 40.69 -2.19
C GLY A 248 -18.78 39.35 -2.56
N ASP A 249 -18.00 38.78 -1.65
CA ASP A 249 -17.28 37.53 -1.89
C ASP A 249 -17.90 36.33 -1.16
N TYR A 250 -18.10 36.47 0.15
CA TYR A 250 -18.87 35.48 0.89
C TYR A 250 -20.34 35.92 1.04
N ILE A 251 -21.18 35.44 0.13
CA ILE A 251 -22.63 35.62 0.25
C ILE A 251 -23.23 34.40 0.97
N PRO A 252 -23.76 34.62 2.19
CA PRO A 252 -24.20 33.51 3.03
C PRO A 252 -25.54 32.95 2.56
N GLY A 253 -25.93 31.80 3.09
CA GLY A 253 -27.01 31.05 2.50
C GLY A 253 -28.30 31.13 3.26
N THR A 254 -28.21 30.91 4.56
CA THR A 254 -29.39 30.82 5.38
C THR A 254 -29.23 31.70 6.61
N GLU A 255 -30.12 32.67 6.71
CA GLU A 255 -30.08 33.68 7.74
C GLU A 255 -30.02 33.09 9.16
N THR A 256 -30.90 32.14 9.46
CA THR A 256 -30.99 31.61 10.82
C THR A 256 -29.70 30.93 11.25
N HIS A 257 -28.98 30.37 10.27
CA HIS A 257 -27.76 29.61 10.52
C HIS A 257 -26.50 30.42 10.42
N MET A 258 -26.67 31.73 10.22
CA MET A 258 -25.58 32.65 9.94
C MET A 258 -24.87 33.11 11.22
N ALA A 259 -23.55 32.95 11.22
CA ALA A 259 -22.69 33.38 12.34
C ALA A 259 -22.65 34.91 12.50
N PRO A 260 -22.35 35.39 13.73
CA PRO A 260 -22.34 36.84 14.01
C PRO A 260 -21.28 37.65 13.23
N GLU A 261 -20.09 37.09 13.04
CA GLU A 261 -19.03 37.77 12.31
C GLU A 261 -19.43 38.02 10.85
N VAL A 262 -20.32 37.19 10.32
CA VAL A 262 -20.84 37.39 8.97
C VAL A 262 -21.67 38.68 8.94
N VAL A 263 -22.63 38.76 9.85
CA VAL A 263 -23.55 39.89 9.92
C VAL A 263 -22.82 41.19 10.20
N LEU A 264 -21.75 41.12 10.99
CA LEU A 264 -21.00 42.30 11.37
C LEU A 264 -20.10 42.79 10.23
N GLY A 265 -20.15 42.07 9.09
CA GLY A 265 -19.35 42.42 7.92
C GLY A 265 -17.87 42.24 8.18
N ARG A 266 -17.56 41.29 9.05
CA ARG A 266 -16.20 40.98 9.44
C ARG A 266 -15.61 39.99 8.42
N SER A 267 -14.29 39.85 8.43
CA SER A 267 -13.62 38.83 7.64
C SER A 267 -13.97 37.47 8.20
N CYS A 268 -14.09 36.48 7.31
CA CYS A 268 -14.56 35.16 7.71
C CYS A 268 -13.60 34.05 7.39
N ASP A 269 -13.69 32.98 8.17
CA ASP A 269 -12.92 31.78 7.90
C ASP A 269 -13.82 30.56 8.05
N ALA A 270 -13.22 29.38 8.05
CA ALA A 270 -13.93 28.13 8.18
C ALA A 270 -14.89 28.10 9.37
N LYS A 271 -14.56 28.85 10.42
CA LYS A 271 -15.36 28.90 11.65
C LYS A 271 -16.86 29.18 11.46
N VAL A 272 -17.24 29.84 10.37
CA VAL A 272 -18.66 30.08 10.09
C VAL A 272 -19.43 28.77 9.99
N ASP A 273 -18.83 27.78 9.32
CA ASP A 273 -19.43 26.46 9.20
C ASP A 273 -19.72 25.82 10.56
N VAL A 274 -18.81 26.02 11.52
CA VAL A 274 -18.97 25.43 12.85
C VAL A 274 -20.17 26.02 13.57
N TRP A 275 -20.40 27.31 13.38
CA TRP A 275 -21.57 27.98 13.96
C TRP A 275 -22.84 27.42 13.34
N SER A 276 -22.84 27.30 12.02
CA SER A 276 -23.99 26.81 11.28
C SER A 276 -24.34 25.40 11.72
N SER A 277 -23.31 24.55 11.80
CA SER A 277 -23.50 23.15 12.13
C SER A 277 -24.18 23.00 13.48
N CYS A 278 -23.96 23.95 14.39
CA CYS A 278 -24.63 23.89 15.67
C CYS A 278 -26.04 24.42 15.59
N CYS A 279 -26.27 25.42 14.74
CA CYS A 279 -27.63 25.85 14.44
C CYS A 279 -28.41 24.68 13.86
N MET A 280 -27.72 23.89 13.04
CA MET A 280 -28.29 22.67 12.50
C MET A 280 -28.64 21.73 13.65
N MET A 281 -27.72 21.60 14.59
CA MET A 281 -27.90 20.73 15.74
C MET A 281 -29.17 21.13 16.50
N LEU A 282 -29.34 22.43 16.69
CA LEU A 282 -30.53 22.95 17.38
C LEU A 282 -31.78 22.62 16.61
N HIS A 283 -31.72 22.81 15.29
CA HIS A 283 -32.79 22.46 14.39
C HIS A 283 -33.16 21.00 14.55
N MET A 284 -32.16 20.12 14.51
CA MET A 284 -32.39 18.69 14.70
C MET A 284 -33.04 18.37 16.05
N LEU A 285 -32.59 19.04 17.11
CA LEU A 285 -33.06 18.71 18.46
C LEU A 285 -34.44 19.28 18.75
N ASN A 286 -34.73 20.47 18.19
CA ASN A 286 -35.96 21.19 18.52
C ASN A 286 -37.05 21.08 17.46
N GLY A 287 -36.66 20.74 16.23
CA GLY A 287 -37.61 20.68 15.13
C GLY A 287 -37.97 22.04 14.55
N CYS A 288 -37.04 22.99 14.67
CA CYS A 288 -37.18 24.33 14.11
C CYS A 288 -35.85 25.07 14.21
N HIS A 289 -35.62 26.01 13.30
CA HIS A 289 -34.40 26.83 13.29
C HIS A 289 -34.31 27.69 14.50
N PRO A 290 -33.07 28.03 14.91
CA PRO A 290 -32.82 29.04 15.94
C PRO A 290 -33.49 30.37 15.59
N TRP A 291 -33.73 31.22 16.59
CA TRP A 291 -34.33 32.57 16.42
C TRP A 291 -35.76 32.58 15.97
N THR A 292 -36.12 31.59 15.15
CA THR A 292 -37.45 31.44 14.54
C THR A 292 -38.62 31.50 15.55
N GLN A 293 -38.53 30.71 16.62
CA GLN A 293 -39.64 30.67 17.60
C GLN A 293 -39.76 31.94 18.46
N PHE A 294 -38.77 32.81 18.41
CA PHE A 294 -38.70 33.94 19.35
C PHE A 294 -38.74 35.32 18.71
N PHE A 295 -38.19 35.44 17.51
CA PHE A 295 -38.06 36.75 16.86
C PHE A 295 -38.63 36.73 15.47
N ARG A 296 -39.42 37.74 15.13
CA ARG A 296 -40.01 37.84 13.81
C ARG A 296 -39.71 39.18 13.15
N GLY A 297 -38.80 39.14 12.19
CA GLY A 297 -38.31 40.33 11.50
C GLY A 297 -36.88 40.11 11.07
N PRO A 298 -36.10 41.20 10.95
CA PRO A 298 -34.68 41.14 10.61
C PRO A 298 -33.80 40.45 11.67
N LEU A 299 -33.60 39.14 11.50
CA LEU A 299 -32.81 38.33 12.44
C LEU A 299 -31.34 38.73 12.49
N CYS A 300 -30.78 39.12 11.34
CA CYS A 300 -29.37 39.53 11.25
C CYS A 300 -28.96 40.47 12.37
N LEU A 301 -29.85 41.38 12.73
CA LEU A 301 -29.58 42.34 13.80
C LEU A 301 -29.59 41.67 15.17
N LYS A 302 -30.50 40.70 15.33
CA LYS A 302 -30.60 39.92 16.56
C LYS A 302 -29.41 38.98 16.74
N ILE A 303 -29.04 38.26 15.69
CA ILE A 303 -27.88 37.36 15.73
C ILE A 303 -26.67 38.15 16.19
N ALA A 304 -26.57 39.39 15.74
CA ALA A 304 -25.41 40.23 16.02
C ALA A 304 -25.24 40.46 17.52
N SER A 305 -26.29 40.91 18.18
CA SER A 305 -26.15 41.50 19.51
C SER A 305 -26.74 40.70 20.66
N GLU A 306 -27.50 39.66 20.33
CA GLU A 306 -28.05 38.76 21.33
C GLU A 306 -26.98 37.79 21.82
N PRO A 307 -27.23 37.16 22.97
CA PRO A 307 -26.41 35.97 23.29
C PRO A 307 -26.67 34.87 22.26
N PRO A 308 -25.76 33.91 22.16
CA PRO A 308 -25.96 32.79 21.23
C PRO A 308 -27.22 31.99 21.61
N PRO A 309 -27.87 31.34 20.63
CA PRO A 309 -29.13 30.60 20.79
C PRO A 309 -29.05 29.46 21.83
N VAL A 310 -27.93 29.40 22.50
CA VAL A 310 -27.69 28.57 23.68
C VAL A 310 -28.90 28.28 24.58
N ARG A 311 -29.83 29.23 24.70
CA ARG A 311 -31.07 29.01 25.45
C ARG A 311 -32.02 28.02 24.76
N GLU A 312 -31.78 27.74 23.48
CA GLU A 312 -32.64 26.84 22.73
C GLU A 312 -32.17 25.39 22.89
N ILE A 313 -31.03 25.22 23.56
CA ILE A 313 -30.55 23.89 23.95
C ILE A 313 -31.58 23.25 24.90
N PRO A 314 -32.04 22.03 24.56
CA PRO A 314 -33.03 21.36 25.43
C PRO A 314 -32.41 21.07 26.80
N PRO A 315 -33.15 21.39 27.88
CA PRO A 315 -32.65 21.22 29.24
C PRO A 315 -32.28 19.75 29.57
N SER A 316 -32.91 18.81 28.88
CA SER A 316 -32.75 17.39 29.14
C SER A 316 -31.52 16.77 28.46
N CYS A 317 -30.81 17.57 27.65
CA CYS A 317 -29.62 17.12 26.93
C CYS A 317 -28.47 16.75 27.84
N ALA A 318 -27.69 15.75 27.41
CA ALA A 318 -26.47 15.39 28.11
C ALA A 318 -25.53 16.59 28.22
N PRO A 319 -24.92 16.80 29.41
CA PRO A 319 -24.08 17.98 29.61
C PRO A 319 -23.02 18.13 28.53
N LEU A 320 -22.50 17.02 28.03
CA LEU A 320 -21.47 17.13 27.01
C LEU A 320 -22.02 17.58 25.64
N THR A 321 -23.29 17.25 25.36
CA THR A 321 -23.98 17.71 24.16
C THR A 321 -24.19 19.23 24.26
N ALA A 322 -24.68 19.65 25.42
CA ALA A 322 -24.90 21.06 25.66
C ALA A 322 -23.57 21.80 25.53
N GLN A 323 -22.50 21.22 26.08
CA GLN A 323 -21.18 21.82 26.01
C GLN A 323 -20.67 21.95 24.58
N ALA A 324 -20.83 20.89 23.79
CA ALA A 324 -20.42 20.89 22.39
C ALA A 324 -21.10 22.03 21.61
N ILE A 325 -22.43 22.07 21.66
CA ILE A 325 -23.17 23.17 21.09
C ILE A 325 -22.67 24.51 21.66
N GLN A 326 -22.48 24.59 22.97
CA GLN A 326 -22.05 25.86 23.58
C GLN A 326 -20.74 26.35 22.99
N GLU A 327 -19.76 25.47 22.92
CA GLU A 327 -18.47 25.83 22.33
C GLU A 327 -18.57 26.15 20.84
N GLY A 328 -19.42 25.42 20.14
CA GLY A 328 -19.64 25.67 18.71
C GLY A 328 -20.38 26.96 18.45
N LEU A 329 -21.00 27.54 19.47
CA LEU A 329 -21.77 28.77 19.31
C LEU A 329 -21.14 29.94 20.05
N ARG A 330 -19.82 29.99 20.04
CA ARG A 330 -19.14 31.15 20.58
C ARG A 330 -19.19 32.24 19.54
N LYS A 331 -19.62 33.43 19.97
CA LYS A 331 -19.79 34.54 19.06
C LYS A 331 -18.47 34.97 18.41
N GLU A 332 -17.38 34.89 19.19
CA GLU A 332 -16.04 35.19 18.66
C GLU A 332 -15.40 33.96 17.99
N PRO A 333 -15.20 34.03 16.66
CA PRO A 333 -14.64 32.95 15.83
C PRO A 333 -13.35 32.36 16.35
N ILE A 334 -12.44 33.23 16.79
CA ILE A 334 -11.12 32.79 17.21
C ILE A 334 -11.24 31.77 18.35
N HIS A 335 -12.17 32.01 19.27
CA HIS A 335 -12.36 31.14 20.43
C HIS A 335 -13.30 29.99 20.17
N ARG A 336 -14.09 30.08 19.11
CA ARG A 336 -14.94 28.97 18.68
C ARG A 336 -14.05 27.79 18.30
N VAL A 337 -14.44 26.59 18.71
CA VAL A 337 -13.70 25.39 18.33
C VAL A 337 -13.76 25.18 16.82
N SER A 338 -12.77 24.47 16.27
CA SER A 338 -12.78 24.07 14.87
C SER A 338 -13.72 22.89 14.65
N ALA A 339 -14.05 22.60 13.40
CA ALA A 339 -14.88 21.43 13.09
C ALA A 339 -14.27 20.18 13.72
N ALA A 340 -12.96 20.02 13.57
CA ALA A 340 -12.26 18.85 14.12
C ALA A 340 -12.41 18.78 15.64
N GLU A 341 -12.24 19.92 16.31
CA GLU A 341 -12.34 20.00 17.76
C GLU A 341 -13.77 19.65 18.22
N LEU A 342 -14.77 20.19 17.51
CA LEU A 342 -16.17 19.88 17.78
C LEU A 342 -16.51 18.42 17.52
N GLY A 343 -15.89 17.87 16.47
CA GLY A 343 -16.07 16.47 16.12
C GLY A 343 -15.74 15.57 17.29
N GLY A 344 -14.69 15.90 18.02
CA GLY A 344 -14.24 15.12 19.16
C GLY A 344 -15.26 15.15 20.28
N LYS A 345 -15.70 16.36 20.63
CA LYS A 345 -16.69 16.56 21.68
C LYS A 345 -18.00 15.85 21.35
N VAL A 346 -18.46 16.02 20.11
CA VAL A 346 -19.63 15.31 19.60
C VAL A 346 -19.48 13.80 19.72
N ASN A 347 -18.32 13.28 19.30
CA ASN A 347 -18.04 11.85 19.38
C ASN A 347 -18.12 11.31 20.82
N ARG A 348 -17.63 12.08 21.78
CA ARG A 348 -17.68 11.69 23.18
C ARG A 348 -19.09 11.75 23.73
N ALA A 349 -19.85 12.75 23.28
CA ALA A 349 -21.23 12.94 23.72
C ALA A 349 -22.13 11.78 23.26
N LEU A 350 -21.87 11.26 22.06
CA LEU A 350 -22.62 10.12 21.55
C LEU A 350 -22.39 8.88 22.41
N GLN A 351 -21.15 8.70 22.87
CA GLN A 351 -20.80 7.61 23.75
C GLN A 351 -21.46 7.79 25.12
N GLN A 352 -21.45 9.02 25.63
CA GLN A 352 -22.12 9.37 26.91
C GLN A 352 -23.61 9.00 26.93
N VAL A 353 -24.27 9.03 25.78
CA VAL A 353 -25.70 8.68 25.70
C VAL A 353 -25.95 7.21 25.33
N GLY A 354 -24.99 6.35 25.63
CA GLY A 354 -25.09 4.91 25.38
C GLY A 354 -24.97 4.52 23.92
N GLY A 355 -24.28 5.36 23.15
CA GLY A 355 -24.10 5.12 21.72
C GLY A 355 -25.36 5.37 20.93
N LEU A 356 -25.29 5.11 19.63
CA LEU A 356 -26.43 5.22 18.72
C LEU A 356 -27.29 3.97 18.80
N LYS A 357 -28.47 4.10 19.42
CA LYS A 357 -29.43 2.99 19.56
C LYS A 357 -30.86 3.38 19.17
N SER A 358 -31.03 4.54 18.54
CA SER A 358 -32.33 4.99 18.05
C SER A 358 -32.60 4.46 16.64
N PRO A 359 -33.85 4.02 16.37
CA PRO A 359 -34.23 3.50 15.04
C PRO A 359 -34.12 4.58 13.97
N TRP A 360 -33.92 4.16 12.72
CA TRP A 360 -33.79 5.09 11.59
C TRP A 360 -35.04 5.89 11.36
N ARG A 361 -36.17 5.20 11.24
CA ARG A 361 -37.47 5.85 11.08
C ARG A 361 -38.54 5.10 11.88
N GLY A 362 -39.15 5.82 12.82
CA GLY A 362 -40.17 5.23 13.68
C GLY A 362 -40.99 6.27 14.43
N GLU A 363 -40.46 6.75 15.55
CA GLU A 363 -41.18 7.68 16.41
C GLU A 363 -41.43 9.02 15.73
N TYR A 364 -42.64 9.54 15.88
CA TYR A 364 -42.86 10.94 15.63
C TYR A 364 -42.59 11.66 16.94
N LYS A 365 -41.58 12.53 16.92
CA LYS A 365 -41.18 13.29 18.10
C LYS A 365 -41.60 14.74 17.88
N GLU A 366 -42.67 15.15 18.55
CA GLU A 366 -43.27 16.49 18.41
C GLU A 366 -42.26 17.61 18.68
N PRO A 367 -42.22 18.64 17.80
CA PRO A 367 -41.32 19.80 17.97
C PRO A 367 -41.54 20.53 19.30
N SER B 27 0.25 25.99 -56.41
CA SER B 27 0.05 26.48 -57.81
C SER B 27 -0.27 25.34 -58.79
N VAL B 28 0.29 24.17 -58.52
CA VAL B 28 0.02 22.96 -59.32
C VAL B 28 -0.67 21.90 -58.48
N GLU B 29 -0.27 21.80 -57.21
CA GLU B 29 -0.95 20.96 -56.23
C GLU B 29 -2.35 21.51 -55.98
N GLU B 30 -2.43 22.83 -55.82
CA GLU B 30 -3.68 23.54 -55.60
C GLU B 30 -4.51 23.63 -56.89
N TYR B 31 -3.90 23.25 -58.01
CA TYR B 31 -4.54 23.25 -59.32
C TYR B 31 -5.37 21.98 -59.50
N LEU B 32 -4.91 20.88 -58.91
CA LEU B 32 -5.55 19.59 -59.11
C LEU B 32 -6.12 18.98 -57.82
N VAL B 33 -6.18 19.77 -56.76
CA VAL B 33 -6.92 19.36 -55.57
C VAL B 33 -8.41 19.60 -55.78
N HIS B 34 -8.73 20.58 -56.61
CA HIS B 34 -10.12 20.84 -57.01
C HIS B 34 -10.69 19.66 -57.74
N ALA B 35 -9.80 18.86 -58.33
CA ALA B 35 -10.17 17.61 -58.97
C ALA B 35 -10.62 16.57 -57.95
N LEU B 36 -9.93 16.53 -56.81
CA LEU B 36 -10.30 15.64 -55.70
C LEU B 36 -11.61 16.08 -55.05
N GLN B 37 -11.77 17.38 -54.87
CA GLN B 37 -12.93 17.97 -54.20
C GLN B 37 -14.26 17.60 -54.88
N GLY B 38 -15.32 17.58 -54.08
CA GLY B 38 -16.66 17.31 -54.58
C GLY B 38 -16.93 15.88 -54.98
N SER B 39 -16.03 14.97 -54.62
CA SER B 39 -16.20 13.56 -54.92
C SER B 39 -15.51 12.65 -53.90
N VAL B 40 -16.09 11.46 -53.70
CA VAL B 40 -15.51 10.42 -52.86
C VAL B 40 -14.95 9.32 -53.78
N SER B 41 -13.64 9.06 -53.66
CA SER B 41 -12.96 8.10 -54.52
C SER B 41 -12.22 7.03 -53.74
N SER B 42 -11.86 5.95 -54.43
CA SER B 42 -10.95 4.96 -53.90
C SER B 42 -9.56 5.32 -54.39
N GLY B 43 -8.64 5.55 -53.46
CA GLY B 43 -7.32 6.07 -53.80
C GLY B 43 -6.27 5.85 -52.74
N GLN B 44 -5.19 6.64 -52.83
CA GLN B 44 -4.00 6.44 -52.02
C GLN B 44 -3.91 7.45 -50.87
N ALA B 45 -3.08 7.12 -49.87
CA ALA B 45 -2.85 8.00 -48.72
C ALA B 45 -2.60 9.46 -49.11
N HIS B 46 -1.62 9.70 -49.98
CA HIS B 46 -1.22 11.05 -50.37
C HIS B 46 -2.34 11.89 -50.94
N SER B 47 -3.32 11.24 -51.55
CA SER B 47 -4.49 11.96 -52.05
C SER B 47 -5.32 12.48 -50.88
N LEU B 48 -5.51 11.63 -49.87
CA LEU B 48 -6.35 11.96 -48.72
C LEU B 48 -5.72 13.07 -47.89
N THR B 49 -4.41 12.94 -47.71
CA THR B 49 -3.55 13.93 -47.09
C THR B 49 -3.73 15.29 -47.76
N SER B 50 -3.59 15.31 -49.09
CA SER B 50 -3.75 16.54 -49.84
C SER B 50 -5.11 17.15 -49.54
N LEU B 51 -6.14 16.32 -49.64
CA LEU B 51 -7.51 16.74 -49.40
C LEU B 51 -7.74 17.16 -47.96
N ALA B 52 -6.99 16.58 -47.03
CA ALA B 52 -7.11 16.93 -45.61
C ALA B 52 -6.67 18.37 -45.36
N LYS B 53 -5.54 18.76 -45.96
CA LYS B 53 -5.02 20.12 -45.88
C LYS B 53 -6.09 21.12 -46.31
N THR B 54 -6.93 20.70 -47.26
CA THR B 54 -8.05 21.50 -47.75
C THR B 54 -9.10 21.70 -46.65
N TRP B 55 -9.49 20.60 -46.02
CA TRP B 55 -10.50 20.62 -44.97
C TRP B 55 -10.10 21.54 -43.85
N ALA B 56 -8.84 21.49 -43.45
CA ALA B 56 -8.29 22.34 -42.40
C ALA B 56 -7.94 23.73 -42.95
N ALA B 57 -8.96 24.45 -43.39
CA ALA B 57 -8.80 25.78 -43.97
C ALA B 57 -10.16 26.45 -44.13
N ASP B 71 -22.40 18.81 -49.46
CA ASP B 71 -21.03 18.58 -49.90
C ASP B 71 -20.46 17.25 -49.40
N ASN B 72 -19.98 16.44 -50.34
CA ASN B 72 -19.54 15.08 -50.05
C ASN B 72 -18.30 14.71 -50.84
N GLU B 73 -17.15 14.76 -50.16
CA GLU B 73 -15.84 14.58 -50.78
C GLU B 73 -14.93 13.82 -49.82
N GLY B 74 -13.98 13.08 -50.37
CA GLY B 74 -13.08 12.28 -49.56
C GLY B 74 -12.38 11.17 -50.31
N VAL B 75 -11.52 10.45 -49.60
CA VAL B 75 -10.78 9.32 -50.14
C VAL B 75 -10.96 8.12 -49.23
N LEU B 76 -11.13 6.94 -49.82
CA LEU B 76 -11.21 5.69 -49.07
C LEU B 76 -10.06 4.79 -49.47
N LEU B 77 -9.34 4.25 -48.47
CA LEU B 77 -8.06 3.58 -48.70
C LEU B 77 -8.16 2.06 -48.72
N THR B 78 -9.35 1.52 -48.52
CA THR B 78 -9.57 0.07 -48.56
C THR B 78 -10.79 -0.30 -49.40
N GLU B 79 -10.71 -1.42 -50.12
CA GLU B 79 -11.82 -1.88 -50.95
C GLU B 79 -13.03 -2.35 -50.12
N LYS B 80 -12.78 -2.65 -48.84
CA LYS B 80 -13.84 -3.03 -47.92
C LYS B 80 -14.82 -1.86 -47.68
N LEU B 81 -14.36 -0.65 -47.97
CA LEU B 81 -15.23 0.53 -47.97
C LEU B 81 -15.31 1.06 -49.40
N LYS B 82 -16.54 1.20 -49.91
CA LYS B 82 -16.75 1.41 -51.33
C LYS B 82 -17.72 2.55 -51.62
N PRO B 83 -17.29 3.55 -52.41
CA PRO B 83 -18.23 4.59 -52.79
C PRO B 83 -19.20 4.11 -53.86
N VAL B 84 -20.31 4.82 -54.01
CA VAL B 84 -21.27 4.56 -55.05
C VAL B 84 -21.56 5.89 -55.71
N ASP B 85 -21.40 5.93 -57.04
CA ASP B 85 -21.68 7.12 -57.86
C ASP B 85 -21.14 8.39 -57.24
N TYR B 86 -19.83 8.39 -56.97
CA TYR B 86 -19.10 9.56 -56.48
C TYR B 86 -19.48 9.99 -55.05
N GLU B 87 -20.32 9.22 -54.39
CA GLU B 87 -20.80 9.57 -53.05
C GLU B 87 -20.53 8.51 -51.99
N TYR B 88 -20.38 8.98 -50.74
CA TYR B 88 -20.35 8.10 -49.56
C TYR B 88 -20.97 8.86 -48.41
N ARG B 89 -22.29 8.73 -48.28
CA ARG B 89 -23.07 9.46 -47.29
C ARG B 89 -23.57 8.56 -46.18
N GLU B 90 -23.62 9.10 -44.97
CA GLU B 90 -24.15 8.39 -43.80
C GLU B 90 -25.66 8.17 -43.95
N GLU B 91 -26.12 7.03 -43.42
CA GLU B 91 -27.50 6.53 -43.53
C GLU B 91 -27.89 6.07 -44.95
N VAL B 92 -27.02 6.35 -45.92
CA VAL B 92 -27.26 5.95 -47.31
C VAL B 92 -26.31 4.84 -47.73
N HIS B 93 -25.00 5.09 -47.62
CA HIS B 93 -24.00 4.11 -48.04
C HIS B 93 -23.39 3.36 -46.90
N TRP B 94 -23.36 4.00 -45.73
CA TRP B 94 -22.88 3.38 -44.49
C TRP B 94 -23.73 3.82 -43.32
N ALA B 95 -23.74 3.01 -42.26
CA ALA B 95 -24.58 3.29 -41.10
C ALA B 95 -23.89 2.99 -39.77
N THR B 96 -24.22 3.79 -38.75
CA THR B 96 -23.69 3.57 -37.40
C THR B 96 -24.60 2.64 -36.63
N HIS B 97 -24.05 1.98 -35.61
CA HIS B 97 -24.82 1.22 -34.62
C HIS B 97 -23.93 0.78 -33.50
N GLY B 102 -21.42 4.97 -28.64
CA GLY B 102 -20.41 6.02 -28.81
C GLY B 102 -19.32 5.92 -27.77
N ARG B 103 -18.06 5.84 -28.22
CA ARG B 103 -16.94 5.53 -27.33
C ARG B 103 -15.66 6.33 -27.61
N GLY B 104 -15.71 7.61 -27.30
CA GLY B 104 -14.51 8.44 -27.28
C GLY B 104 -14.58 9.38 -26.10
N SER B 105 -13.60 10.28 -25.99
CA SER B 105 -13.69 11.34 -25.01
C SER B 105 -14.96 12.15 -25.26
N PHE B 106 -15.37 12.23 -26.53
CA PHE B 106 -16.55 12.99 -26.91
C PHE B 106 -17.68 12.10 -27.44
N GLY B 107 -17.53 10.79 -27.26
CA GLY B 107 -18.53 9.84 -27.74
C GLY B 107 -18.73 10.04 -29.22
N GLU B 108 -17.60 10.22 -29.91
CA GLU B 108 -17.58 10.51 -31.33
C GLU B 108 -17.17 9.30 -32.17
N VAL B 109 -16.75 8.23 -31.48
CA VAL B 109 -16.37 6.99 -32.15
C VAL B 109 -17.51 6.00 -32.11
N HIS B 110 -17.85 5.45 -33.26
CA HIS B 110 -19.00 4.55 -33.39
C HIS B 110 -18.68 3.36 -34.23
N ARG B 111 -19.37 2.24 -33.99
CA ARG B 111 -19.26 1.09 -34.86
C ARG B 111 -20.12 1.33 -36.09
N MET B 112 -19.58 1.03 -37.27
CA MET B 112 -20.29 1.26 -38.53
C MET B 112 -20.23 0.08 -39.50
N GLU B 113 -21.11 0.11 -40.49
CA GLU B 113 -21.16 -0.92 -41.52
C GLU B 113 -21.33 -0.32 -42.90
N ASP B 114 -20.55 -0.83 -43.85
CA ASP B 114 -20.66 -0.43 -45.23
C ASP B 114 -21.78 -1.23 -45.86
N LYS B 115 -22.81 -0.54 -46.33
CA LYS B 115 -24.05 -1.18 -46.80
C LYS B 115 -23.89 -2.10 -48.01
N GLN B 116 -22.86 -1.89 -48.81
CA GLN B 116 -22.62 -2.74 -49.99
C GLN B 116 -21.73 -3.94 -49.65
N THR B 117 -20.58 -3.67 -49.03
CA THR B 117 -19.60 -4.71 -48.74
C THR B 117 -19.97 -5.55 -47.54
N GLY B 118 -20.70 -4.96 -46.60
CA GLY B 118 -21.04 -5.59 -45.32
C GLY B 118 -19.93 -5.49 -44.29
N PHE B 119 -18.83 -4.84 -44.67
CA PHE B 119 -17.67 -4.67 -43.79
C PHE B 119 -17.95 -3.71 -42.63
N GLN B 120 -17.39 -4.03 -41.46
CA GLN B 120 -17.56 -3.22 -40.25
C GLN B 120 -16.24 -2.60 -39.81
N CYS B 121 -16.29 -1.34 -39.42
CA CYS B 121 -15.14 -0.66 -38.83
C CYS B 121 -15.63 0.45 -37.90
N ALA B 122 -14.77 1.42 -37.61
CA ALA B 122 -15.12 2.51 -36.71
C ALA B 122 -15.01 3.87 -37.37
N VAL B 123 -16.02 4.71 -37.17
CA VAL B 123 -15.99 6.09 -37.62
C VAL B 123 -15.61 6.92 -36.43
N LYS B 124 -14.75 7.90 -36.66
CA LYS B 124 -14.53 8.97 -35.71
C LYS B 124 -15.05 10.23 -36.36
N LYS B 125 -16.04 10.86 -35.72
CA LYS B 125 -16.61 12.10 -36.24
C LYS B 125 -15.84 13.26 -35.69
N VAL B 126 -15.52 14.20 -36.57
CA VAL B 126 -14.80 15.42 -36.20
C VAL B 126 -15.47 16.59 -36.91
N ARG B 127 -15.89 17.58 -36.13
CA ARG B 127 -16.42 18.83 -36.68
C ARG B 127 -15.37 19.48 -37.57
N LEU B 128 -15.78 19.91 -38.76
CA LEU B 128 -14.87 20.52 -39.71
C LEU B 128 -14.11 21.74 -39.18
N GLU B 129 -14.74 22.51 -38.30
CA GLU B 129 -14.15 23.76 -37.79
C GLU B 129 -12.91 23.49 -36.92
N VAL B 130 -12.77 22.24 -36.50
CA VAL B 130 -11.73 21.85 -35.56
C VAL B 130 -10.77 20.85 -36.21
N PHE B 131 -11.14 20.35 -37.39
CA PHE B 131 -10.34 19.33 -38.06
C PHE B 131 -8.93 19.80 -38.37
N ARG B 132 -7.95 19.00 -37.96
CA ARG B 132 -6.55 19.24 -38.25
C ARG B 132 -6.05 18.19 -39.23
N ALA B 133 -5.41 18.64 -40.31
CA ALA B 133 -4.86 17.72 -41.33
C ALA B 133 -3.94 16.68 -40.71
N GLU B 134 -3.24 17.09 -39.65
CA GLU B 134 -2.35 16.23 -38.89
C GLU B 134 -2.99 14.91 -38.40
N GLU B 135 -4.30 14.92 -38.13
CA GLU B 135 -4.99 13.70 -37.69
C GLU B 135 -4.75 12.56 -38.66
N LEU B 136 -4.73 12.91 -39.95
CA LEU B 136 -4.65 11.91 -40.99
C LEU B 136 -3.21 11.75 -41.43
N MET B 137 -2.48 12.87 -41.47
CA MET B 137 -1.07 12.87 -41.89
C MET B 137 -0.22 11.99 -40.98
N ALA B 138 -0.51 12.01 -39.68
CA ALA B 138 0.23 11.26 -38.67
C ALA B 138 0.00 9.78 -38.81
N CYS B 139 -0.74 9.40 -39.84
CA CYS B 139 -1.57 8.22 -39.74
C CYS B 139 -1.69 7.48 -41.05
N ALA B 140 -1.77 8.24 -42.14
CA ALA B 140 -2.09 7.72 -43.45
C ALA B 140 -0.98 6.84 -43.97
N GLY B 141 -1.36 5.60 -44.30
CA GLY B 141 -0.44 4.63 -44.89
C GLY B 141 0.74 4.20 -44.01
N LEU B 142 0.69 4.53 -42.73
CA LEU B 142 1.73 4.13 -41.80
C LEU B 142 1.61 2.64 -41.45
N THR B 143 2.56 1.86 -41.96
CA THR B 143 2.52 0.40 -41.84
C THR B 143 3.24 -0.03 -40.57
N SER B 144 2.44 -0.19 -39.51
CA SER B 144 2.92 -0.69 -38.23
C SER B 144 1.78 -1.36 -37.46
N PRO B 145 2.06 -2.52 -36.86
CA PRO B 145 1.01 -3.19 -36.07
C PRO B 145 0.71 -2.45 -34.76
N ARG B 146 1.57 -1.50 -34.39
CA ARG B 146 1.40 -0.70 -33.17
C ARG B 146 0.64 0.59 -33.42
N ILE B 147 0.07 0.72 -34.63
CA ILE B 147 -0.79 1.85 -34.99
C ILE B 147 -2.08 1.39 -35.68
N VAL B 148 -3.20 1.94 -35.22
CA VAL B 148 -4.50 1.60 -35.79
C VAL B 148 -4.56 2.05 -37.25
N PRO B 149 -4.89 1.11 -38.16
CA PRO B 149 -4.92 1.45 -39.58
C PRO B 149 -6.02 2.45 -39.90
N LEU B 150 -5.66 3.51 -40.64
CA LEU B 150 -6.61 4.47 -41.15
C LEU B 150 -7.24 3.93 -42.43
N TYR B 151 -8.54 3.66 -42.38
CA TYR B 151 -9.27 3.13 -43.54
C TYR B 151 -9.74 4.21 -44.52
N GLY B 152 -9.62 5.47 -44.11
CA GLY B 152 -9.95 6.59 -44.99
C GLY B 152 -10.74 7.66 -44.26
N ALA B 153 -11.12 8.71 -44.99
CA ALA B 153 -11.88 9.81 -44.42
C ALA B 153 -12.78 10.45 -45.47
N VAL B 154 -14.02 10.76 -45.07
CA VAL B 154 -15.01 11.36 -45.97
C VAL B 154 -15.72 12.53 -45.29
N ARG B 155 -15.68 13.69 -45.93
CA ARG B 155 -16.43 14.85 -45.44
C ARG B 155 -17.87 14.79 -45.92
N GLU B 156 -18.79 15.13 -45.03
CA GLU B 156 -20.19 15.30 -45.39
C GLU B 156 -20.75 16.49 -44.62
N GLY B 157 -20.88 17.61 -45.32
CA GLY B 157 -21.30 18.86 -44.70
C GLY B 157 -20.24 19.35 -43.73
N PRO B 158 -20.66 19.66 -42.49
CA PRO B 158 -19.75 20.17 -41.48
C PRO B 158 -19.00 19.05 -40.74
N TRP B 159 -19.15 17.82 -41.22
CA TRP B 159 -18.53 16.66 -40.59
C TRP B 159 -17.43 16.02 -41.38
N VAL B 160 -16.33 15.73 -40.70
CA VAL B 160 -15.29 14.88 -41.25
C VAL B 160 -15.44 13.51 -40.60
N ASN B 161 -15.61 12.49 -41.45
CA ASN B 161 -15.75 11.12 -40.97
C ASN B 161 -14.47 10.34 -41.21
N ILE B 162 -13.75 10.09 -40.12
CA ILE B 162 -12.53 9.31 -40.18
C ILE B 162 -12.87 7.83 -39.95
N PHE B 163 -12.50 6.98 -40.90
CA PHE B 163 -12.79 5.54 -40.81
C PHE B 163 -11.54 4.73 -40.51
N MET B 164 -11.65 3.77 -39.60
CA MET B 164 -10.49 3.02 -39.11
C MET B 164 -10.85 1.65 -38.56
N GLU B 165 -9.85 0.77 -38.50
CA GLU B 165 -10.06 -0.58 -38.00
C GLU B 165 -10.56 -0.53 -36.58
N LEU B 166 -11.49 -1.40 -36.30
CA LEU B 166 -12.11 -1.50 -35.00
C LEU B 166 -11.44 -2.65 -34.28
N LEU B 167 -10.66 -2.35 -33.26
CA LEU B 167 -10.04 -3.38 -32.45
C LEU B 167 -11.01 -3.84 -31.38
N GLU B 168 -11.23 -5.15 -31.33
CA GLU B 168 -12.34 -5.74 -30.56
C GLU B 168 -12.23 -5.73 -29.03
N GLY B 169 -11.05 -5.47 -28.49
CA GLY B 169 -10.85 -5.49 -27.05
C GLY B 169 -11.03 -4.18 -26.31
N GLY B 170 -11.57 -3.16 -26.97
CA GLY B 170 -11.71 -1.83 -26.37
C GLY B 170 -10.37 -1.16 -26.06
N SER B 171 -10.41 -0.02 -25.35
CA SER B 171 -9.21 0.75 -25.05
C SER B 171 -8.50 0.29 -23.78
N LEU B 172 -7.24 0.67 -23.65
CA LEU B 172 -6.47 0.44 -22.44
C LEU B 172 -7.09 1.19 -21.24
N GLY B 173 -7.73 2.32 -21.52
CA GLY B 173 -8.45 3.08 -20.51
C GLY B 173 -9.63 2.32 -19.93
N GLN B 174 -10.37 1.62 -20.79
CA GLN B 174 -11.51 0.80 -20.35
C GLN B 174 -11.05 -0.31 -19.42
N LEU B 175 -9.93 -0.95 -19.74
CA LEU B 175 -9.38 -2.05 -18.95
C LEU B 175 -9.01 -1.58 -17.54
N VAL B 176 -8.25 -0.48 -17.47
CA VAL B 176 -7.85 0.12 -16.20
C VAL B 176 -9.08 0.48 -15.36
N LYS B 177 -10.16 0.92 -16.02
CA LYS B 177 -11.43 1.16 -15.33
C LYS B 177 -12.01 -0.15 -14.80
N GLU B 178 -12.14 -1.15 -15.68
CA GLU B 178 -12.67 -2.47 -15.32
C GLU B 178 -11.90 -3.08 -14.15
N GLN B 179 -10.60 -3.26 -14.34
CA GLN B 179 -9.71 -3.78 -13.31
C GLN B 179 -9.00 -2.59 -12.66
N GLY B 180 -9.32 -2.33 -11.39
CA GLY B 180 -8.78 -1.18 -10.67
C GLY B 180 -7.38 -0.78 -11.06
N CYS B 181 -6.46 -1.75 -11.01
CA CYS B 181 -5.10 -1.59 -11.47
C CYS B 181 -4.78 -2.65 -12.51
N LEU B 182 -3.66 -2.48 -13.19
CA LEU B 182 -3.12 -3.57 -14.00
C LEU B 182 -1.89 -4.16 -13.30
N PRO B 183 -1.76 -5.50 -13.31
CA PRO B 183 -0.55 -6.16 -12.82
C PRO B 183 0.67 -5.58 -13.52
N GLU B 184 1.77 -5.45 -12.79
CA GLU B 184 3.00 -4.80 -13.27
C GLU B 184 3.49 -5.35 -14.63
N ASP B 185 3.52 -6.66 -14.77
CA ASP B 185 3.97 -7.31 -15.99
C ASP B 185 3.09 -6.94 -17.17
N ARG B 186 1.78 -6.85 -16.93
CA ARG B 186 0.84 -6.57 -18.00
C ARG B 186 0.91 -5.10 -18.39
N ALA B 187 1.18 -4.25 -17.39
CA ALA B 187 1.37 -2.82 -17.60
C ALA B 187 2.62 -2.58 -18.44
N LEU B 188 3.74 -3.15 -18.00
CA LEU B 188 4.99 -3.04 -18.75
C LEU B 188 4.77 -3.45 -20.20
N TYR B 189 4.16 -4.62 -20.39
CA TYR B 189 3.77 -5.14 -21.68
C TYR B 189 3.16 -4.07 -22.58
N TYR B 190 2.11 -3.41 -22.08
CA TYR B 190 1.38 -2.41 -22.88
C TYR B 190 2.18 -1.13 -23.12
N LEU B 191 2.98 -0.75 -22.13
CA LEU B 191 3.84 0.41 -22.29
C LEU B 191 4.86 0.14 -23.40
N GLY B 192 5.46 -1.05 -23.37
CA GLY B 192 6.47 -1.41 -24.34
C GLY B 192 5.95 -1.31 -25.75
N GLN B 193 4.69 -1.67 -25.93
CA GLN B 193 4.09 -1.67 -27.24
C GLN B 193 3.77 -0.24 -27.67
N ALA B 194 3.13 0.51 -26.79
CA ALA B 194 2.92 1.93 -27.00
C ALA B 194 4.21 2.58 -27.51
N LEU B 195 5.31 2.33 -26.79
CA LEU B 195 6.62 2.90 -27.14
C LEU B 195 7.14 2.49 -28.52
N GLU B 196 6.81 1.28 -28.95
CA GLU B 196 7.17 0.82 -30.28
C GLU B 196 6.43 1.65 -31.33
N GLY B 197 5.15 1.92 -31.07
CA GLY B 197 4.37 2.81 -31.93
C GLY B 197 4.95 4.20 -32.00
N LEU B 198 5.38 4.72 -30.85
CA LEU B 198 5.89 6.08 -30.75
C LEU B 198 7.24 6.22 -31.43
N GLU B 199 8.11 5.22 -31.23
CA GLU B 199 9.39 5.15 -31.90
C GLU B 199 9.18 5.21 -33.41
N TYR B 200 8.15 4.50 -33.87
CA TYR B 200 7.76 4.53 -35.28
C TYR B 200 7.27 5.93 -35.72
N LEU B 201 6.33 6.50 -34.97
CA LEU B 201 5.83 7.85 -35.27
C LEU B 201 6.96 8.87 -35.26
N HIS B 202 7.82 8.80 -34.25
CA HIS B 202 8.94 9.75 -34.12
C HIS B 202 9.88 9.69 -35.28
N SER B 203 10.23 8.50 -35.73
CA SER B 203 11.16 8.36 -36.85
C SER B 203 10.59 8.93 -38.15
N ARG B 204 9.26 9.06 -38.22
CA ARG B 204 8.60 9.75 -39.34
C ARG B 204 8.31 11.22 -39.03
N ARG B 205 9.00 11.75 -38.01
CA ARG B 205 8.93 13.18 -37.65
C ARG B 205 7.51 13.57 -37.22
N ILE B 206 6.85 12.63 -36.55
CA ILE B 206 5.49 12.82 -36.05
C ILE B 206 5.44 12.63 -34.55
N LEU B 207 4.73 13.56 -33.91
CA LEU B 207 4.55 13.59 -32.47
C LEU B 207 3.08 13.27 -32.22
N HIS B 208 2.81 12.27 -31.36
CA HIS B 208 1.42 11.82 -31.14
C HIS B 208 0.60 12.86 -30.45
N GLY B 209 1.14 13.41 -29.37
CA GLY B 209 0.54 14.60 -28.78
C GLY B 209 -0.46 14.39 -27.66
N ASP B 210 -0.88 13.14 -27.47
CA ASP B 210 -1.83 12.80 -26.43
C ASP B 210 -1.79 11.30 -26.14
N VAL B 211 -0.59 10.84 -25.76
CA VAL B 211 -0.42 9.46 -25.38
C VAL B 211 -1.12 9.29 -24.06
N LYS B 212 -2.03 8.31 -24.03
CA LYS B 212 -2.76 7.95 -22.81
C LYS B 212 -3.54 6.65 -23.02
N ALA B 213 -3.81 5.95 -21.93
CA ALA B 213 -4.53 4.67 -22.01
C ALA B 213 -5.77 4.71 -22.90
N ASP B 214 -6.54 5.79 -22.84
CA ASP B 214 -7.77 5.88 -23.66
C ASP B 214 -7.47 5.92 -25.16
N ASN B 215 -6.25 6.32 -25.50
CA ASN B 215 -5.82 6.40 -26.90
C ASN B 215 -4.97 5.22 -27.33
N VAL B 216 -4.98 4.17 -26.51
CA VAL B 216 -4.35 2.92 -26.87
C VAL B 216 -5.39 1.82 -26.96
N LEU B 217 -5.56 1.25 -28.15
CA LEU B 217 -6.58 0.21 -28.36
C LEU B 217 -6.02 -1.21 -28.30
N LEU B 218 -6.83 -2.14 -27.77
CA LEU B 218 -6.43 -3.54 -27.61
C LEU B 218 -7.13 -4.47 -28.60
N SER B 219 -6.38 -5.46 -29.08
CA SER B 219 -6.95 -6.56 -29.85
C SER B 219 -7.95 -7.37 -29.03
N SER B 220 -8.73 -8.20 -29.73
CA SER B 220 -9.77 -9.03 -29.10
C SER B 220 -9.32 -9.76 -27.82
N ASP B 221 -8.09 -10.25 -27.83
CA ASP B 221 -7.55 -11.03 -26.71
C ASP B 221 -6.52 -10.26 -25.87
N GLY B 222 -6.42 -8.95 -26.06
CA GLY B 222 -5.47 -8.15 -25.31
C GLY B 222 -4.00 -8.41 -25.64
N SER B 223 -3.78 -9.23 -26.66
CA SER B 223 -2.43 -9.59 -27.08
C SER B 223 -1.70 -8.39 -27.69
N HIS B 224 -2.44 -7.59 -28.46
CA HIS B 224 -1.89 -6.49 -29.24
C HIS B 224 -2.41 -5.13 -28.85
N ALA B 225 -1.52 -4.16 -28.87
CA ALA B 225 -1.85 -2.79 -28.52
C ALA B 225 -1.44 -1.87 -29.64
N ALA B 226 -2.25 -0.84 -29.87
CA ALA B 226 -2.00 0.11 -30.95
C ALA B 226 -2.54 1.47 -30.57
N LEU B 227 -1.75 2.48 -30.92
CA LEU B 227 -2.10 3.86 -30.71
C LEU B 227 -3.21 4.29 -31.68
N CYS B 228 -4.08 5.18 -31.23
CA CYS B 228 -5.06 5.84 -32.09
C CYS B 228 -5.26 7.27 -31.59
N ASP B 229 -6.23 7.97 -32.17
CA ASP B 229 -6.55 9.36 -31.85
C ASP B 229 -5.37 10.29 -32.09
N PHE B 230 -5.26 10.76 -33.32
CA PHE B 230 -4.15 11.63 -33.67
C PHE B 230 -4.58 13.11 -33.79
N GLY B 231 -5.62 13.48 -33.05
CA GLY B 231 -6.15 14.85 -33.06
C GLY B 231 -5.15 15.91 -32.64
N HIS B 232 -4.28 15.57 -31.69
CA HIS B 232 -3.31 16.52 -31.13
C HIS B 232 -1.92 16.34 -31.69
N ALA B 233 -1.82 15.67 -32.84
CA ALA B 233 -0.53 15.29 -33.39
C ALA B 233 0.13 16.48 -34.07
N VAL B 234 1.46 16.48 -34.08
CA VAL B 234 2.19 17.54 -34.74
C VAL B 234 3.20 16.96 -35.71
N CYS B 235 3.31 17.58 -36.88
CA CYS B 235 4.25 17.17 -37.90
C CYS B 235 5.47 18.06 -37.84
N LEU B 236 6.60 17.47 -37.46
CA LEU B 236 7.83 18.24 -37.29
C LEU B 236 8.46 18.62 -38.64
N GLN B 237 7.68 19.36 -39.42
CA GLN B 237 8.15 20.02 -40.62
C GLN B 237 9.21 21.05 -40.23
N PRO B 238 10.34 21.10 -40.97
CA PRO B 238 11.35 22.09 -40.64
C PRO B 238 10.95 23.48 -41.14
N ASP B 239 10.21 24.21 -40.30
CA ASP B 239 9.75 25.56 -40.65
C ASP B 239 10.80 26.61 -40.27
N GLY B 240 10.38 27.70 -39.65
CA GLY B 240 11.30 28.67 -39.08
C GLY B 240 11.89 28.11 -37.80
N LEU B 241 11.09 28.15 -36.73
CA LEU B 241 11.54 27.66 -35.44
C LEU B 241 10.47 26.86 -34.68
N GLY B 242 9.88 27.50 -33.68
CA GLY B 242 9.11 26.81 -32.64
C GLY B 242 7.92 25.97 -33.05
N LYS B 243 7.84 24.80 -32.43
CA LYS B 243 6.64 23.97 -32.42
C LYS B 243 6.29 23.77 -30.94
N SER B 244 5.41 24.62 -30.44
CA SER B 244 5.12 24.70 -29.01
C SER B 244 3.67 25.13 -28.77
N LEU B 245 3.31 25.18 -27.48
CA LEU B 245 2.01 25.67 -27.07
C LEU B 245 1.83 27.15 -27.41
N LEU B 246 2.91 27.92 -27.23
CA LEU B 246 2.90 29.36 -27.48
C LEU B 246 2.86 29.74 -28.96
N THR B 247 3.53 28.92 -29.76
CA THR B 247 3.54 29.14 -31.20
C THR B 247 2.19 28.70 -31.78
N GLY B 248 1.45 27.93 -30.98
CA GLY B 248 0.10 27.46 -31.35
C GLY B 248 0.09 26.19 -32.17
N ASP B 249 1.24 25.54 -32.31
CA ASP B 249 1.36 24.35 -33.15
C ASP B 249 1.14 23.05 -32.39
N TYR B 250 1.25 23.10 -31.06
CA TYR B 250 0.98 21.94 -30.20
C TYR B 250 0.06 22.26 -29.03
N ILE B 251 -1.06 21.56 -28.96
CA ILE B 251 -1.99 21.69 -27.85
C ILE B 251 -2.20 20.33 -27.19
N PRO B 252 -1.86 20.22 -25.89
CA PRO B 252 -1.82 18.93 -25.21
C PRO B 252 -3.20 18.30 -25.10
N GLY B 253 -3.26 16.99 -25.27
CA GLY B 253 -4.54 16.30 -25.28
C GLY B 253 -5.08 16.00 -23.90
N THR B 254 -4.19 15.99 -22.91
CA THR B 254 -4.57 15.60 -21.54
C THR B 254 -3.69 16.31 -20.52
N GLU B 255 -4.29 17.27 -19.82
CA GLU B 255 -3.61 18.07 -18.80
C GLU B 255 -2.73 17.21 -17.91
N THR B 256 -3.32 16.17 -17.32
CA THR B 256 -2.61 15.30 -16.38
C THR B 256 -1.36 14.64 -16.96
N HIS B 257 -1.37 14.41 -18.28
CA HIS B 257 -0.24 13.73 -18.97
C HIS B 257 0.73 14.68 -19.61
N MET B 258 0.54 15.98 -19.38
CA MET B 258 1.35 17.04 -19.96
C MET B 258 2.77 17.10 -19.40
N ALA B 259 3.76 17.28 -20.27
CA ALA B 259 5.15 17.40 -19.86
C ALA B 259 5.49 18.84 -19.40
N PRO B 260 6.51 18.99 -18.53
CA PRO B 260 6.91 20.33 -18.08
C PRO B 260 7.18 21.32 -19.22
N GLU B 261 8.00 20.91 -20.19
CA GLU B 261 8.36 21.78 -21.32
C GLU B 261 7.15 22.29 -22.12
N VAL B 262 6.08 21.51 -22.17
CA VAL B 262 4.83 21.96 -22.79
C VAL B 262 4.35 23.19 -22.04
N VAL B 263 4.30 23.06 -20.72
CA VAL B 263 3.69 24.08 -19.86
C VAL B 263 4.63 25.28 -19.64
N LEU B 264 5.91 25.10 -19.90
CA LEU B 264 6.87 26.22 -19.80
C LEU B 264 7.09 26.91 -21.16
N GLY B 265 6.22 26.64 -22.13
CA GLY B 265 6.25 27.32 -23.41
C GLY B 265 7.54 27.11 -24.18
N ARG B 266 8.17 25.96 -23.92
CA ARG B 266 9.38 25.56 -24.57
C ARG B 266 9.02 24.72 -25.81
N SER B 267 9.99 24.53 -26.72
CA SER B 267 9.76 23.75 -27.94
C SER B 267 9.50 22.29 -27.66
N CYS B 268 8.54 21.72 -28.36
CA CYS B 268 8.17 20.33 -28.16
C CYS B 268 8.76 19.41 -29.22
N ASP B 269 9.14 18.22 -28.77
CA ASP B 269 9.62 17.19 -29.66
C ASP B 269 9.12 15.84 -29.14
N ALA B 270 9.71 14.76 -29.65
CA ALA B 270 9.31 13.40 -29.32
C ALA B 270 9.25 13.12 -27.82
N LYS B 271 9.98 13.91 -27.06
CA LYS B 271 10.06 13.68 -25.62
C LYS B 271 8.75 13.90 -24.86
N VAL B 272 7.80 14.63 -25.44
CA VAL B 272 6.53 14.83 -24.76
C VAL B 272 5.79 13.51 -24.67
N ASP B 273 5.85 12.73 -25.75
CA ASP B 273 5.19 11.43 -25.80
C ASP B 273 5.82 10.47 -24.81
N VAL B 274 7.12 10.66 -24.55
CA VAL B 274 7.83 9.79 -23.62
C VAL B 274 7.27 10.03 -22.24
N TRP B 275 7.23 11.30 -21.85
CA TRP B 275 6.67 11.74 -20.59
C TRP B 275 5.27 11.19 -20.40
N SER B 276 4.40 11.47 -21.38
CA SER B 276 3.01 11.02 -21.32
C SER B 276 2.90 9.52 -21.11
N SER B 277 3.67 8.76 -21.89
CA SER B 277 3.55 7.31 -21.80
C SER B 277 3.88 6.83 -20.39
N CYS B 278 4.82 7.50 -19.72
CA CYS B 278 5.12 7.18 -18.32
C CYS B 278 4.00 7.60 -17.37
N CYS B 279 3.32 8.71 -17.67
CA CYS B 279 2.08 9.06 -16.97
C CYS B 279 1.00 8.00 -17.17
N MET B 280 0.92 7.44 -18.38
CA MET B 280 0.05 6.29 -18.62
C MET B 280 0.47 5.06 -17.81
N MET B 281 1.78 4.88 -17.65
CA MET B 281 2.31 3.80 -16.81
C MET B 281 1.84 3.95 -15.36
N LEU B 282 1.97 5.15 -14.81
CA LEU B 282 1.51 5.44 -13.46
C LEU B 282 0.00 5.23 -13.35
N HIS B 283 -0.71 5.59 -14.40
CA HIS B 283 -2.16 5.41 -14.46
C HIS B 283 -2.52 3.95 -14.41
N MET B 284 -1.76 3.12 -15.11
CA MET B 284 -2.01 1.68 -15.13
C MET B 284 -1.67 1.02 -13.81
N LEU B 285 -0.62 1.49 -13.17
CA LEU B 285 -0.19 0.91 -11.90
C LEU B 285 -1.08 1.33 -10.73
N ASN B 286 -1.40 2.62 -10.65
CA ASN B 286 -2.14 3.18 -9.52
C ASN B 286 -3.65 3.18 -9.69
N GLY B 287 -4.11 3.18 -10.94
CA GLY B 287 -5.54 3.19 -11.24
C GLY B 287 -6.14 4.59 -11.31
N CYS B 288 -5.28 5.59 -11.51
CA CYS B 288 -5.69 6.97 -11.68
C CYS B 288 -4.50 7.79 -12.20
N HIS B 289 -4.82 8.91 -12.85
CA HIS B 289 -3.81 9.80 -13.43
C HIS B 289 -2.87 10.30 -12.39
N PRO B 290 -1.65 10.71 -12.81
CA PRO B 290 -0.77 11.42 -11.90
C PRO B 290 -1.40 12.71 -11.43
N TRP B 291 -0.94 13.22 -10.28
CA TRP B 291 -1.39 14.49 -9.72
C TRP B 291 -2.77 14.45 -9.10
N THR B 292 -3.72 13.81 -9.78
CA THR B 292 -5.11 13.59 -9.29
C THR B 292 -5.37 13.91 -7.81
N GLN B 293 -4.68 13.18 -6.94
CA GLN B 293 -4.99 13.18 -5.52
C GLN B 293 -4.19 14.20 -4.73
N PHE B 294 -2.94 14.42 -5.13
CA PHE B 294 -2.01 15.26 -4.38
C PHE B 294 -2.45 16.72 -4.25
N PHE B 295 -3.19 17.20 -5.24
CA PHE B 295 -3.77 18.55 -5.26
C PHE B 295 -4.72 18.68 -6.45
N ARG B 296 -5.58 19.69 -6.43
CA ARG B 296 -6.54 19.90 -7.50
C ARG B 296 -6.77 21.40 -7.73
N GLY B 297 -6.72 21.81 -9.00
CA GLY B 297 -6.88 23.21 -9.39
C GLY B 297 -6.31 23.46 -10.78
N PRO B 298 -5.28 24.33 -10.88
CA PRO B 298 -4.50 24.43 -12.11
C PRO B 298 -3.26 23.53 -12.06
N LEU B 299 -3.32 22.38 -12.74
CA LEU B 299 -2.20 21.45 -12.77
C LEU B 299 -0.99 22.02 -13.47
N CYS B 300 -1.25 22.85 -14.48
CA CYS B 300 -0.19 23.45 -15.27
C CYS B 300 0.91 24.05 -14.41
N LEU B 301 0.54 24.75 -13.34
CA LEU B 301 1.53 25.34 -12.42
C LEU B 301 2.33 24.31 -11.64
N LYS B 302 1.67 23.31 -11.07
CA LYS B 302 2.37 22.30 -10.29
C LYS B 302 3.26 21.39 -11.14
N ILE B 303 2.77 21.03 -12.34
CA ILE B 303 3.60 20.28 -13.29
C ILE B 303 4.90 21.06 -13.50
N ALA B 304 4.76 22.38 -13.66
CA ALA B 304 5.88 23.30 -13.88
C ALA B 304 6.87 23.40 -12.70
N SER B 305 6.35 23.65 -11.50
CA SER B 305 7.19 24.02 -10.37
C SER B 305 7.64 22.86 -9.49
N GLU B 306 6.78 21.85 -9.36
CA GLU B 306 7.02 20.73 -8.45
C GLU B 306 7.91 19.63 -9.08
N PRO B 307 8.47 18.74 -8.24
CA PRO B 307 9.20 17.58 -8.75
C PRO B 307 8.29 16.67 -9.56
N PRO B 308 8.88 15.77 -10.38
CA PRO B 308 8.13 14.80 -11.19
C PRO B 308 7.25 13.84 -10.36
N PRO B 309 6.18 13.31 -10.96
CA PRO B 309 5.28 12.35 -10.30
C PRO B 309 5.96 11.04 -9.91
N VAL B 310 7.30 11.04 -9.94
CA VAL B 310 8.13 9.93 -9.47
C VAL B 310 7.67 9.33 -8.13
N ARG B 311 7.21 10.18 -7.22
CA ARG B 311 6.71 9.76 -5.91
C ARG B 311 5.50 8.80 -6.01
N GLU B 312 4.84 8.79 -7.17
CA GLU B 312 3.68 7.93 -7.40
C GLU B 312 4.06 6.54 -7.92
N ILE B 313 5.35 6.27 -8.02
CA ILE B 313 5.82 4.94 -8.39
C ILE B 313 5.56 4.02 -7.20
N PRO B 314 4.70 2.99 -7.40
CA PRO B 314 4.41 2.09 -6.30
C PRO B 314 5.70 1.45 -5.79
N PRO B 315 5.85 1.35 -4.45
CA PRO B 315 7.03 0.73 -3.85
C PRO B 315 7.11 -0.77 -4.13
N SER B 316 5.95 -1.37 -4.42
CA SER B 316 5.83 -2.77 -4.83
C SER B 316 6.64 -3.13 -6.08
N CYS B 317 6.84 -2.15 -6.97
CA CYS B 317 7.48 -2.34 -8.28
C CYS B 317 8.93 -2.80 -8.25
N ALA B 318 9.33 -3.46 -9.35
CA ALA B 318 10.72 -3.83 -9.58
C ALA B 318 11.57 -2.58 -9.73
N PRO B 319 12.83 -2.62 -9.26
CA PRO B 319 13.72 -1.46 -9.32
C PRO B 319 13.90 -0.95 -10.75
N LEU B 320 13.99 -1.86 -11.71
CA LEU B 320 14.17 -1.50 -13.12
C LEU B 320 12.89 -0.93 -13.73
N THR B 321 11.73 -1.33 -13.22
CA THR B 321 10.48 -0.67 -13.58
C THR B 321 10.49 0.76 -13.07
N ALA B 322 10.82 0.93 -11.79
CA ALA B 322 10.94 2.24 -11.17
C ALA B 322 11.92 3.13 -11.96
N GLN B 323 13.08 2.59 -12.30
CA GLN B 323 14.13 3.36 -12.96
C GLN B 323 13.72 3.82 -14.36
N ALA B 324 13.06 2.95 -15.10
CA ALA B 324 12.56 3.29 -16.42
C ALA B 324 11.59 4.47 -16.32
N ILE B 325 10.62 4.36 -15.43
CA ILE B 325 9.64 5.42 -15.19
C ILE B 325 10.35 6.72 -14.82
N GLN B 326 11.32 6.65 -13.91
CA GLN B 326 12.10 7.82 -13.51
C GLN B 326 12.75 8.47 -14.71
N GLU B 327 13.38 7.66 -15.56
CA GLU B 327 14.13 8.17 -16.70
C GLU B 327 13.22 8.80 -17.76
N GLY B 328 12.02 8.26 -17.89
CA GLY B 328 11.03 8.83 -18.81
C GLY B 328 10.32 10.07 -18.26
N LEU B 329 10.54 10.35 -16.96
CA LEU B 329 9.90 11.46 -16.27
C LEU B 329 10.91 12.52 -15.79
N ARG B 330 12.05 12.60 -16.47
CA ARG B 330 13.00 13.68 -16.22
C ARG B 330 12.42 14.95 -16.79
N LYS B 331 12.39 16.01 -15.96
CA LYS B 331 11.78 17.29 -16.33
C LYS B 331 12.44 17.96 -17.53
N GLU B 332 13.75 17.78 -17.69
CA GLU B 332 14.45 18.35 -18.83
C GLU B 332 14.33 17.40 -20.03
N PRO B 333 13.61 17.84 -21.09
CA PRO B 333 13.38 16.99 -22.27
C PRO B 333 14.66 16.37 -22.80
N ILE B 334 15.74 17.14 -22.81
CA ILE B 334 17.00 16.69 -23.38
C ILE B 334 17.53 15.48 -22.62
N HIS B 335 17.41 15.52 -21.31
CA HIS B 335 17.91 14.43 -20.48
C HIS B 335 16.94 13.29 -20.41
N ARG B 336 15.71 13.54 -20.86
CA ARG B 336 14.71 12.48 -20.90
C ARG B 336 15.11 11.48 -21.98
N VAL B 337 14.74 10.23 -21.77
CA VAL B 337 15.08 9.17 -22.73
C VAL B 337 14.13 9.20 -23.92
N SER B 338 14.60 8.70 -25.05
CA SER B 338 13.75 8.53 -26.23
C SER B 338 12.87 7.28 -26.05
N ALA B 339 11.86 7.13 -26.92
CA ALA B 339 10.99 5.95 -26.90
C ALA B 339 11.80 4.68 -27.06
N ALA B 340 12.73 4.68 -28.02
CA ALA B 340 13.56 3.49 -28.28
C ALA B 340 14.34 3.06 -27.04
N GLU B 341 15.01 4.02 -26.40
CA GLU B 341 15.83 3.75 -25.23
C GLU B 341 14.98 3.23 -24.06
N LEU B 342 13.80 3.83 -23.87
CA LEU B 342 12.89 3.45 -22.81
C LEU B 342 12.30 2.06 -23.09
N GLY B 343 12.04 1.78 -24.37
CA GLY B 343 11.50 0.49 -24.78
C GLY B 343 12.43 -0.64 -24.40
N GLY B 344 13.73 -0.39 -24.53
CA GLY B 344 14.76 -1.30 -24.06
C GLY B 344 14.56 -1.57 -22.58
N LYS B 345 14.66 -0.50 -21.79
CA LYS B 345 14.46 -0.55 -20.35
C LYS B 345 13.18 -1.29 -19.91
N VAL B 346 12.07 -1.00 -20.59
CA VAL B 346 10.78 -1.60 -20.27
C VAL B 346 10.75 -3.11 -20.57
N ASN B 347 11.24 -3.49 -21.75
CA ASN B 347 11.30 -4.90 -22.13
C ASN B 347 12.19 -5.67 -21.17
N ARG B 348 13.26 -5.01 -20.73
CA ARG B 348 14.21 -5.56 -19.78
C ARG B 348 13.57 -5.74 -18.41
N ALA B 349 12.70 -4.81 -18.04
CA ALA B 349 11.99 -4.88 -16.77
C ALA B 349 10.93 -5.99 -16.77
N LEU B 350 10.29 -6.20 -17.92
CA LEU B 350 9.24 -7.21 -18.04
C LEU B 350 9.84 -8.58 -17.80
N GLN B 351 11.05 -8.78 -18.28
CA GLN B 351 11.76 -10.03 -18.10
C GLN B 351 12.16 -10.21 -16.64
N GLN B 352 12.52 -9.10 -15.99
CA GLN B 352 12.85 -9.10 -14.57
C GLN B 352 11.70 -9.57 -13.68
N VAL B 353 10.49 -9.04 -13.91
CA VAL B 353 9.32 -9.44 -13.11
C VAL B 353 8.79 -10.84 -13.46
N GLY B 354 9.46 -11.51 -14.40
CA GLY B 354 9.12 -12.88 -14.74
C GLY B 354 8.35 -13.09 -16.03
N GLY B 355 8.26 -12.05 -16.86
CA GLY B 355 7.52 -12.13 -18.11
C GLY B 355 6.03 -11.89 -17.93
N LEU B 356 5.28 -11.99 -19.02
CA LEU B 356 3.84 -11.84 -18.99
C LEU B 356 3.19 -13.07 -18.33
N LYS B 357 3.40 -13.18 -17.02
CA LYS B 357 2.96 -14.36 -16.26
C LYS B 357 1.64 -14.15 -15.54
N SER B 358 1.22 -12.90 -15.39
CA SER B 358 -0.11 -12.60 -14.87
C SER B 358 -1.16 -13.09 -15.86
N PRO B 359 -2.39 -13.34 -15.38
CA PRO B 359 -3.49 -13.69 -16.27
C PRO B 359 -3.75 -12.57 -17.28
N TRP B 360 -4.40 -12.92 -18.39
CA TRP B 360 -4.97 -11.89 -19.24
C TRP B 360 -6.15 -11.29 -18.50
N ARG B 361 -7.07 -12.14 -18.05
CA ARG B 361 -8.15 -11.68 -17.18
C ARG B 361 -7.81 -11.86 -15.70
N VAL C 33 21.35 -19.61 54.20
CA VAL C 33 20.82 -18.24 54.50
C VAL C 33 20.37 -18.08 55.96
N HIS C 34 20.98 -18.88 56.84
CA HIS C 34 20.68 -18.85 58.27
C HIS C 34 21.03 -17.53 58.91
N ALA C 35 22.17 -16.98 58.53
CA ALA C 35 22.70 -15.75 59.14
C ALA C 35 21.93 -14.49 58.73
N LEU C 36 21.45 -14.46 57.50
CA LEU C 36 20.72 -13.29 56.98
C LEU C 36 19.26 -13.23 57.43
N GLN C 37 18.73 -14.37 57.91
CA GLN C 37 17.38 -14.43 58.45
C GLN C 37 17.24 -13.63 59.73
N GLY C 38 16.22 -12.79 59.78
CA GLY C 38 15.96 -11.93 60.94
C GLY C 38 16.64 -10.59 60.86
N SER C 39 17.37 -10.35 59.76
CA SER C 39 18.14 -9.13 59.59
C SER C 39 17.95 -8.50 58.23
N VAL C 40 18.15 -7.19 58.16
CA VAL C 40 18.17 -6.48 56.88
C VAL C 40 19.61 -6.12 56.54
N SER C 41 20.09 -6.66 55.44
CA SER C 41 21.47 -6.46 55.02
C SER C 41 21.51 -5.84 53.63
N SER C 42 22.67 -5.28 53.27
CA SER C 42 22.96 -5.03 51.86
C SER C 42 23.50 -6.33 51.27
N GLY C 43 23.19 -6.59 50.01
CA GLY C 43 23.55 -7.87 49.40
C GLY C 43 23.28 -7.98 47.92
N GLN C 44 23.10 -9.22 47.48
CA GLN C 44 22.94 -9.54 46.06
C GLN C 44 21.66 -10.31 45.79
N ALA C 45 21.25 -10.34 44.53
CA ALA C 45 19.96 -10.90 44.11
C ALA C 45 19.64 -12.28 44.68
N HIS C 46 20.58 -13.21 44.58
CA HIS C 46 20.34 -14.60 44.98
C HIS C 46 20.12 -14.76 46.46
N SER C 47 20.71 -13.87 47.25
CA SER C 47 20.46 -13.83 48.70
C SER C 47 19.03 -13.42 48.97
N LEU C 48 18.55 -12.42 48.24
CA LEU C 48 17.16 -11.98 48.30
C LEU C 48 16.24 -13.08 47.78
N THR C 49 16.66 -13.75 46.71
CA THR C 49 15.90 -14.83 46.09
C THR C 49 15.66 -15.98 47.06
N SER C 50 16.73 -16.46 47.69
CA SER C 50 16.66 -17.55 48.66
C SER C 50 15.80 -17.20 49.86
N LEU C 51 15.86 -15.92 50.27
CA LEU C 51 15.08 -15.43 51.39
C LEU C 51 13.60 -15.29 51.03
N ALA C 52 13.33 -15.01 49.76
CA ALA C 52 11.96 -14.89 49.27
C ALA C 52 11.24 -16.23 49.36
N LYS C 53 11.97 -17.32 49.08
CA LYS C 53 11.45 -18.68 49.18
C LYS C 53 10.88 -18.93 50.58
N THR C 54 11.59 -18.42 51.58
CA THR C 54 11.17 -18.47 52.99
C THR C 54 9.80 -17.82 53.18
N TRP C 55 9.67 -16.59 52.69
CA TRP C 55 8.45 -15.79 52.88
C TRP C 55 7.21 -16.44 52.33
N ALA C 56 7.33 -17.08 51.18
CA ALA C 56 6.22 -17.84 50.60
C ALA C 56 6.03 -19.15 51.39
N ALA C 57 5.37 -19.05 52.53
CA ALA C 57 5.12 -20.18 53.42
C ALA C 57 4.04 -19.83 54.42
N ASP C 71 8.95 -8.77 63.53
CA ASP C 71 9.99 -9.41 62.72
C ASP C 71 10.34 -8.61 61.48
N ASN C 72 11.61 -8.28 61.35
CA ASN C 72 12.12 -7.44 60.27
C ASN C 72 13.36 -8.08 59.64
N GLU C 73 13.23 -8.51 58.39
CA GLU C 73 14.31 -9.17 57.65
C GLU C 73 14.25 -8.81 56.18
N GLY C 74 15.42 -8.75 55.53
CA GLY C 74 15.46 -8.51 54.09
C GLY C 74 16.80 -8.22 53.48
N VAL C 75 16.80 -7.95 52.17
CA VAL C 75 18.00 -7.62 51.41
C VAL C 75 17.73 -6.40 50.54
N LEU C 76 18.59 -5.38 50.69
CA LEU C 76 18.55 -4.21 49.83
C LEU C 76 19.71 -4.29 48.86
N LEU C 77 19.42 -4.08 47.57
CA LEU C 77 20.37 -4.35 46.50
C LEU C 77 21.16 -3.14 46.04
N THR C 78 20.72 -1.95 46.45
CA THR C 78 21.40 -0.73 46.07
C THR C 78 21.86 0.05 47.30
N GLU C 79 22.99 0.74 47.16
CA GLU C 79 23.56 1.53 48.26
C GLU C 79 22.74 2.78 48.59
N LYS C 80 21.79 3.13 47.72
CA LYS C 80 20.92 4.27 47.95
C LYS C 80 19.81 3.94 48.96
N LEU C 81 19.57 2.65 49.17
CA LEU C 81 18.70 2.16 50.24
C LEU C 81 19.57 1.41 51.24
N LYS C 82 19.80 2.01 52.39
CA LYS C 82 20.75 1.45 53.35
C LYS C 82 20.04 1.07 54.66
N PRO C 83 20.34 -0.14 55.18
CA PRO C 83 19.79 -0.53 56.48
C PRO C 83 20.45 0.26 57.61
N VAL C 84 19.78 0.33 58.75
CA VAL C 84 20.38 0.88 59.96
C VAL C 84 20.28 -0.18 61.07
N ASP C 85 21.43 -0.56 61.61
CA ASP C 85 21.53 -1.54 62.70
C ASP C 85 20.66 -2.78 62.47
N TYR C 86 20.91 -3.45 61.35
CA TYR C 86 20.25 -4.72 61.00
C TYR C 86 18.75 -4.56 60.67
N GLU C 87 18.29 -3.31 60.59
CA GLU C 87 16.86 -3.06 60.39
C GLU C 87 16.54 -2.06 59.28
N TYR C 88 15.28 -2.11 58.82
CA TYR C 88 14.75 -1.17 57.83
C TYR C 88 13.23 -1.09 57.97
N ARG C 89 12.80 -0.37 59.00
CA ARG C 89 11.38 -0.30 59.37
C ARG C 89 10.71 0.95 58.82
N GLU C 90 9.46 0.81 58.37
CA GLU C 90 8.71 1.92 57.80
C GLU C 90 8.45 3.00 58.84
N GLU C 91 8.54 4.26 58.40
CA GLU C 91 8.44 5.45 59.24
C GLU C 91 9.65 5.66 60.15
N VAL C 92 10.45 4.60 60.35
CA VAL C 92 11.68 4.69 61.15
C VAL C 92 12.90 4.98 60.28
N HIS C 93 13.12 4.14 59.28
CA HIS C 93 14.27 4.29 58.39
C HIS C 93 13.90 4.79 57.03
N TRP C 94 12.67 4.51 56.62
CA TRP C 94 12.11 5.02 55.36
C TRP C 94 10.69 5.46 55.53
N ALA C 95 10.27 6.48 54.79
CA ALA C 95 8.92 7.03 54.87
C ALA C 95 8.19 7.01 53.53
N THR C 96 6.87 6.84 53.55
CA THR C 96 6.05 6.90 52.32
C THR C 96 5.53 8.30 52.06
N HIS C 97 5.41 8.67 50.78
CA HIS C 97 4.80 9.94 50.38
C HIS C 97 3.71 9.68 49.38
N GLY C 102 -0.71 6.81 46.56
CA GLY C 102 -1.08 5.44 46.25
C GLY C 102 -1.48 5.26 44.80
N ARG C 103 -0.79 4.37 44.08
CA ARG C 103 -1.08 4.07 42.67
C ARG C 103 -0.71 2.65 42.25
N GLY C 104 -1.62 1.73 42.49
CA GLY C 104 -1.55 0.39 41.95
C GLY C 104 -2.97 -0.10 41.78
N SER C 105 -3.10 -1.38 41.44
CA SER C 105 -4.41 -2.01 41.33
C SER C 105 -5.11 -2.08 42.71
N PHE C 106 -4.31 -2.05 43.77
CA PHE C 106 -4.80 -2.16 45.13
C PHE C 106 -4.36 -0.98 46.01
N GLY C 107 -3.93 0.11 45.38
CA GLY C 107 -3.41 1.29 46.08
C GLY C 107 -2.22 0.86 46.91
N GLU C 108 -1.42 -0.01 46.30
CA GLU C 108 -0.39 -0.79 46.95
C GLU C 108 0.98 -0.14 46.78
N VAL C 109 1.13 0.66 45.73
CA VAL C 109 2.41 1.23 45.34
C VAL C 109 2.48 2.70 45.78
N HIS C 110 3.59 3.07 46.43
CA HIS C 110 3.78 4.44 46.92
C HIS C 110 5.16 4.97 46.63
N ARG C 111 5.27 6.29 46.55
CA ARG C 111 6.55 6.95 46.53
C ARG C 111 7.15 6.87 47.94
N MET C 112 8.40 6.46 48.03
CA MET C 112 9.10 6.39 49.31
C MET C 112 10.40 7.18 49.29
N GLU C 113 10.83 7.62 50.47
CA GLU C 113 12.12 8.30 50.62
C GLU C 113 12.93 7.62 51.71
N ASP C 114 14.19 7.36 51.40
CA ASP C 114 15.14 6.85 52.38
C ASP C 114 15.57 8.01 53.28
N LYS C 115 15.29 7.89 54.57
CA LYS C 115 15.48 9.00 55.52
C LYS C 115 16.92 9.53 55.59
N GLN C 116 17.91 8.64 55.56
CA GLN C 116 19.30 9.06 55.61
C GLN C 116 19.88 9.42 54.23
N THR C 117 19.53 8.64 53.20
CA THR C 117 20.06 8.85 51.85
C THR C 117 19.40 10.03 51.12
N GLY C 118 18.11 10.21 51.33
CA GLY C 118 17.34 11.19 50.56
C GLY C 118 16.94 10.62 49.21
N PHE C 119 17.33 9.38 48.95
CA PHE C 119 16.96 8.69 47.73
C PHE C 119 15.51 8.26 47.73
N GLN C 120 14.81 8.59 46.66
CA GLN C 120 13.42 8.22 46.48
C GLN C 120 13.27 7.13 45.42
N CYS C 121 12.37 6.20 45.67
CA CYS C 121 11.98 5.21 44.69
C CYS C 121 10.54 4.78 44.99
N ALA C 122 10.10 3.69 44.36
CA ALA C 122 8.75 3.19 44.57
C ALA C 122 8.75 2.01 45.52
N VAL C 123 7.74 1.94 46.38
CA VAL C 123 7.53 0.78 47.24
C VAL C 123 6.18 0.14 46.93
N LYS C 124 6.18 -1.18 46.78
CA LYS C 124 4.95 -1.94 46.60
C LYS C 124 4.74 -2.87 47.77
N LYS C 125 3.66 -2.65 48.51
CA LYS C 125 3.33 -3.50 49.64
C LYS C 125 2.62 -4.76 49.17
N VAL C 126 3.06 -5.90 49.70
CA VAL C 126 2.40 -7.18 49.47
C VAL C 126 2.19 -7.89 50.80
N ARG C 127 0.98 -8.38 51.03
CA ARG C 127 0.70 -9.16 52.24
C ARG C 127 1.53 -10.44 52.26
N LEU C 128 1.92 -10.86 53.46
CA LEU C 128 2.81 -12.03 53.62
C LEU C 128 2.17 -13.34 53.19
N GLU C 129 0.90 -13.54 53.52
CA GLU C 129 0.17 -14.76 53.18
C GLU C 129 0.07 -14.94 51.66
N VAL C 130 -0.20 -13.84 50.97
CA VAL C 130 -0.44 -13.82 49.52
C VAL C 130 0.88 -13.75 48.73
N PHE C 131 1.96 -13.46 49.43
CA PHE C 131 3.26 -13.26 48.78
C PHE C 131 3.73 -14.47 47.98
N ARG C 132 4.12 -14.21 46.73
CA ARG C 132 4.67 -15.22 45.83
C ARG C 132 6.11 -14.83 45.51
N ALA C 133 7.05 -15.72 45.83
CA ALA C 133 8.47 -15.48 45.66
C ALA C 133 8.85 -15.10 44.23
N GLU C 134 8.00 -15.49 43.29
CA GLU C 134 8.18 -15.21 41.87
C GLU C 134 8.16 -13.72 41.52
N GLU C 135 7.58 -12.90 42.41
CA GLU C 135 7.59 -11.44 42.24
C GLU C 135 9.02 -10.91 42.17
N LEU C 136 9.90 -11.45 43.01
CA LEU C 136 11.32 -11.08 42.98
C LEU C 136 12.13 -12.00 42.08
N MET C 137 11.89 -13.31 42.20
CA MET C 137 12.62 -14.32 41.42
C MET C 137 12.69 -13.97 39.93
N ALA C 138 11.59 -13.41 39.41
CA ALA C 138 11.47 -13.05 38.01
C ALA C 138 11.72 -11.56 37.78
N CYS C 139 12.54 -10.97 38.65
CA CYS C 139 12.78 -9.53 38.61
C CYS C 139 14.22 -9.20 39.00
N ALA C 140 14.71 -9.92 40.02
CA ALA C 140 16.05 -9.71 40.57
C ALA C 140 17.12 -10.17 39.59
N GLY C 141 18.18 -9.38 39.49
CA GLY C 141 19.33 -9.69 38.64
C GLY C 141 19.06 -9.63 37.14
N LEU C 142 17.90 -9.09 36.76
CA LEU C 142 17.52 -9.00 35.36
C LEU C 142 17.88 -7.64 34.77
N THR C 143 19.00 -7.60 34.06
CA THR C 143 19.50 -6.38 33.44
C THR C 143 18.86 -6.20 32.06
N SER C 144 17.63 -5.69 32.06
CA SER C 144 16.91 -5.38 30.83
C SER C 144 16.25 -4.00 30.98
N PRO C 145 16.43 -3.12 29.97
CA PRO C 145 15.84 -1.79 30.00
C PRO C 145 14.32 -1.85 29.85
N ARG C 146 13.82 -3.00 29.41
CA ARG C 146 12.38 -3.22 29.25
C ARG C 146 11.74 -3.79 30.52
N ILE C 147 12.54 -3.96 31.57
CA ILE C 147 12.03 -4.41 32.86
C ILE C 147 12.45 -3.44 33.97
N VAL C 148 11.47 -3.03 34.78
CA VAL C 148 11.70 -2.20 35.95
C VAL C 148 12.71 -2.86 36.88
N PRO C 149 13.82 -2.15 37.19
CA PRO C 149 14.83 -2.70 38.09
C PRO C 149 14.33 -2.77 39.55
N LEU C 150 14.44 -3.94 40.14
CA LEU C 150 14.13 -4.16 41.54
C LEU C 150 15.27 -3.62 42.40
N TYR C 151 14.95 -2.76 43.37
CA TYR C 151 15.97 -2.20 44.27
C TYR C 151 16.19 -2.99 45.56
N GLY C 152 15.25 -3.88 45.88
CA GLY C 152 15.37 -4.73 47.08
C GLY C 152 14.00 -5.04 47.64
N ALA C 153 13.98 -5.86 48.69
CA ALA C 153 12.72 -6.19 49.39
C ALA C 153 12.96 -6.43 50.88
N VAL C 154 12.04 -5.94 51.72
CA VAL C 154 12.14 -6.10 53.18
C VAL C 154 10.80 -6.49 53.77
N ARG C 155 10.79 -7.61 54.49
CA ARG C 155 9.62 -8.03 55.27
C ARG C 155 9.60 -7.30 56.60
N GLU C 156 8.43 -6.76 56.96
CA GLU C 156 8.22 -6.16 58.28
C GLU C 156 6.84 -6.57 58.80
N GLY C 157 6.83 -7.57 59.68
CA GLY C 157 5.59 -8.09 60.23
C GLY C 157 4.84 -8.87 59.16
N PRO C 158 3.58 -8.47 58.88
CA PRO C 158 2.77 -9.14 57.87
C PRO C 158 2.98 -8.59 56.46
N TRP C 159 3.90 -7.63 56.32
CA TRP C 159 4.14 -6.93 55.07
C TRP C 159 5.43 -7.30 54.44
N VAL C 160 5.42 -7.47 53.12
CA VAL C 160 6.63 -7.57 52.33
C VAL C 160 6.66 -6.31 51.48
N ASN C 161 7.63 -5.45 51.77
CA ASN C 161 7.78 -4.20 51.04
C ASN C 161 8.75 -4.37 49.90
N ILE C 162 8.26 -4.22 48.67
CA ILE C 162 9.10 -4.41 47.50
C ILE C 162 9.53 -3.08 46.88
N PHE C 163 10.84 -2.85 46.84
CA PHE C 163 11.41 -1.59 46.39
C PHE C 163 11.91 -1.69 44.95
N MET C 164 11.56 -0.69 44.13
CA MET C 164 11.94 -0.68 42.72
C MET C 164 11.93 0.75 42.17
N GLU C 165 12.46 0.94 40.97
CA GLU C 165 12.63 2.28 40.41
C GLU C 165 11.31 3.01 40.21
N LEU C 166 11.28 4.26 40.67
CA LEU C 166 10.17 5.15 40.43
C LEU C 166 10.29 5.73 39.03
N LEU C 167 9.39 5.30 38.14
CA LEU C 167 9.32 5.86 36.80
C LEU C 167 8.39 7.08 36.79
N GLU C 168 8.82 8.13 36.11
CA GLU C 168 8.22 9.46 36.26
C GLU C 168 6.89 9.72 35.51
N GLY C 169 6.65 8.97 34.43
CA GLY C 169 5.49 9.23 33.58
C GLY C 169 4.27 8.33 33.75
N GLY C 170 4.08 7.80 34.95
CA GLY C 170 2.96 6.91 35.25
C GLY C 170 2.96 5.62 34.44
N SER C 171 1.80 4.99 34.32
CA SER C 171 1.68 3.74 33.59
C SER C 171 0.99 3.92 32.23
N LEU C 172 1.04 2.87 31.42
CA LEU C 172 0.42 2.87 30.09
C LEU C 172 -1.11 2.89 30.15
N GLY C 173 -1.66 2.38 31.26
CA GLY C 173 -3.10 2.39 31.51
C GLY C 173 -3.61 3.78 31.83
N GLN C 174 -2.78 4.55 32.53
CA GLN C 174 -3.08 5.93 32.89
C GLN C 174 -3.00 6.86 31.68
N LEU C 175 -2.17 6.48 30.70
CA LEU C 175 -2.08 7.23 29.45
C LEU C 175 -3.36 7.05 28.63
N VAL C 176 -3.95 5.86 28.71
CA VAL C 176 -5.22 5.56 28.04
C VAL C 176 -6.38 6.35 28.65
N LYS C 177 -6.49 6.29 29.98
CA LYS C 177 -7.54 7.01 30.72
C LYS C 177 -7.47 8.53 30.52
N GLU C 178 -6.25 9.07 30.52
CA GLU C 178 -6.02 10.52 30.33
C GLU C 178 -6.37 10.96 28.90
N GLN C 179 -5.99 10.15 27.91
CA GLN C 179 -6.21 10.47 26.51
C GLN C 179 -6.97 9.36 25.75
N GLY C 180 -8.29 9.34 25.93
CA GLY C 180 -9.20 8.37 25.28
C GLY C 180 -8.57 7.18 24.57
N CYS C 181 -8.11 7.41 23.33
CA CYS C 181 -7.44 6.38 22.54
C CYS C 181 -6.01 6.77 22.25
N LEU C 182 -5.17 5.79 21.97
CA LEU C 182 -3.80 6.02 21.57
C LEU C 182 -3.65 6.04 20.05
N PRO C 183 -2.76 6.91 19.52
CA PRO C 183 -2.46 6.91 18.09
C PRO C 183 -1.86 5.56 17.67
N GLU C 184 -2.25 5.08 16.50
CA GLU C 184 -1.83 3.76 16.02
C GLU C 184 -0.31 3.55 16.09
N ASP C 185 0.45 4.55 15.65
CA ASP C 185 1.91 4.46 15.67
C ASP C 185 2.48 4.37 17.08
N ARG C 186 1.91 5.13 18.01
CA ARG C 186 2.38 5.17 19.39
C ARG C 186 2.02 3.89 20.16
N ALA C 187 0.87 3.30 19.84
CA ALA C 187 0.42 2.06 20.47
C ALA C 187 1.32 0.88 20.12
N LEU C 188 1.61 0.75 18.82
CA LEU C 188 2.55 -0.25 18.33
C LEU C 188 3.89 -0.10 19.03
N TYR C 189 4.38 1.14 19.06
CA TYR C 189 5.64 1.51 19.71
C TYR C 189 5.71 0.94 21.12
N TYR C 190 4.64 1.09 21.88
CA TYR C 190 4.58 0.60 23.25
C TYR C 190 4.40 -0.91 23.34
N LEU C 191 3.56 -1.49 22.48
CA LEU C 191 3.39 -2.93 22.42
C LEU C 191 4.71 -3.62 22.13
N GLY C 192 5.43 -3.08 21.15
CA GLY C 192 6.73 -3.61 20.73
C GLY C 192 7.73 -3.65 21.88
N GLN C 193 7.80 -2.57 22.64
CA GLN C 193 8.71 -2.48 23.78
C GLN C 193 8.34 -3.50 24.86
N ALA C 194 7.03 -3.64 25.10
CA ALA C 194 6.51 -4.63 26.03
C ALA C 194 6.87 -6.05 25.59
N LEU C 195 6.83 -6.27 24.28
CA LEU C 195 7.17 -7.55 23.68
C LEU C 195 8.66 -7.84 23.79
N GLU C 196 9.48 -6.81 23.61
CA GLU C 196 10.93 -6.95 23.78
C GLU C 196 11.26 -7.50 25.16
N GLY C 197 10.52 -7.00 26.17
CA GLY C 197 10.67 -7.45 27.55
C GLY C 197 10.19 -8.87 27.78
N LEU C 198 9.02 -9.20 27.23
CA LEU C 198 8.45 -10.54 27.35
C LEU C 198 9.32 -11.58 26.66
N GLU C 199 9.92 -11.17 25.55
CA GLU C 199 10.86 -11.99 24.80
C GLU C 199 12.04 -12.37 25.69
N TYR C 200 12.58 -11.37 26.37
CA TYR C 200 13.70 -11.52 27.29
C TYR C 200 13.34 -12.43 28.46
N LEU C 201 12.10 -12.31 28.93
CA LEU C 201 11.59 -13.12 30.03
C LEU C 201 11.37 -14.57 29.63
N HIS C 202 10.68 -14.78 28.51
CA HIS C 202 10.33 -16.12 28.05
C HIS C 202 11.53 -16.98 27.81
N SER C 203 12.58 -16.37 27.27
CA SER C 203 13.84 -17.08 27.02
C SER C 203 14.46 -17.61 28.31
N ARG C 204 14.11 -17.01 29.44
CA ARG C 204 14.55 -17.47 30.76
C ARG C 204 13.52 -18.42 31.40
N ARG C 205 12.65 -19.00 30.57
CA ARG C 205 11.55 -19.86 31.01
C ARG C 205 10.65 -19.22 32.09
N ILE C 206 10.43 -17.92 31.95
CA ILE C 206 9.61 -17.14 32.89
C ILE C 206 8.44 -16.46 32.19
N LEU C 207 7.25 -16.73 32.70
CA LEU C 207 5.99 -16.17 32.20
C LEU C 207 5.60 -14.99 33.10
N HIS C 208 5.00 -13.95 32.51
CA HIS C 208 4.62 -12.74 33.26
C HIS C 208 3.33 -12.92 34.05
N GLY C 209 2.26 -13.36 33.36
CA GLY C 209 1.01 -13.71 34.03
C GLY C 209 -0.09 -12.66 34.05
N ASP C 210 0.30 -11.39 34.00
CA ASP C 210 -0.64 -10.27 34.07
C ASP C 210 -0.19 -9.12 33.19
N VAL C 211 -0.08 -9.41 31.89
CA VAL C 211 0.32 -8.40 30.92
C VAL C 211 -0.88 -7.50 30.61
N LYS C 212 -0.68 -6.20 30.80
CA LYS C 212 -1.71 -5.20 30.57
C LYS C 212 -1.14 -3.79 30.70
N ALA C 213 -1.91 -2.81 30.23
CA ALA C 213 -1.49 -1.41 30.21
C ALA C 213 -1.08 -0.91 31.59
N ASP C 214 -1.85 -1.29 32.61
CA ASP C 214 -1.56 -0.87 33.99
C ASP C 214 -0.23 -1.41 34.55
N ASN C 215 0.24 -2.51 33.98
CA ASN C 215 1.51 -3.11 34.39
C ASN C 215 2.68 -2.78 33.45
N VAL C 216 2.50 -1.71 32.66
CA VAL C 216 3.56 -1.18 31.80
C VAL C 216 3.80 0.27 32.20
N LEU C 217 4.99 0.55 32.73
CA LEU C 217 5.33 1.89 33.21
C LEU C 217 6.13 2.70 32.19
N LEU C 218 6.01 4.03 32.28
CA LEU C 218 6.64 4.92 31.31
C LEU C 218 7.62 5.91 31.94
N SER C 219 8.64 6.30 31.18
CA SER C 219 9.64 7.27 31.62
C SER C 219 9.10 8.70 31.61
N SER C 220 9.98 9.66 31.93
CA SER C 220 9.63 11.07 32.02
C SER C 220 9.11 11.64 30.69
N ASP C 221 9.81 11.34 29.60
CA ASP C 221 9.44 11.79 28.26
C ASP C 221 8.38 10.91 27.61
N GLY C 222 8.31 9.66 28.04
CA GLY C 222 7.42 8.66 27.45
C GLY C 222 8.12 7.81 26.40
N SER C 223 9.42 8.05 26.24
CA SER C 223 10.22 7.34 25.24
C SER C 223 10.44 5.86 25.56
N HIS C 224 10.59 5.55 26.84
CA HIS C 224 10.85 4.18 27.27
C HIS C 224 9.71 3.59 28.05
N ALA C 225 9.43 2.32 27.79
CA ALA C 225 8.39 1.57 28.50
C ALA C 225 9.00 0.38 29.20
N ALA C 226 8.51 0.07 30.40
CA ALA C 226 9.02 -1.05 31.18
C ALA C 226 7.91 -1.80 31.90
N LEU C 227 8.07 -3.12 31.99
CA LEU C 227 7.11 -4.01 32.62
C LEU C 227 7.30 -4.11 34.14
N CYS C 228 6.19 -4.21 34.87
CA CYS C 228 6.22 -4.37 36.32
C CYS C 228 5.16 -5.37 36.79
N ASP C 229 4.98 -5.46 38.11
CA ASP C 229 3.96 -6.30 38.74
C ASP C 229 4.05 -7.77 38.33
N PHE C 230 5.02 -8.47 38.91
CA PHE C 230 5.27 -9.87 38.60
C PHE C 230 4.58 -10.81 39.59
N GLY C 231 3.53 -10.30 40.24
CA GLY C 231 2.72 -11.09 41.16
C GLY C 231 2.20 -12.39 40.59
N HIS C 232 1.99 -12.45 39.27
CA HIS C 232 1.34 -13.61 38.64
C HIS C 232 2.28 -14.42 37.77
N ALA C 233 3.58 -14.17 37.94
CA ALA C 233 4.63 -14.82 37.16
C ALA C 233 4.88 -16.27 37.55
N VAL C 234 5.22 -17.10 36.57
CA VAL C 234 5.62 -18.49 36.83
C VAL C 234 6.93 -18.85 36.14
N CYS C 235 7.81 -19.54 36.87
CA CYS C 235 9.04 -20.11 36.31
C CYS C 235 8.69 -21.50 35.77
N LEU C 236 8.70 -21.63 34.44
CA LEU C 236 8.06 -22.74 33.73
C LEU C 236 8.57 -24.15 34.08
N GLN C 237 7.61 -25.08 34.16
CA GLN C 237 7.80 -26.48 34.60
C GLN C 237 9.15 -27.14 34.25
N PRO C 238 9.83 -27.71 35.27
CA PRO C 238 11.11 -28.39 35.07
C PRO C 238 10.93 -29.79 34.51
N PRO C 252 -3.41 -16.38 38.53
CA PRO C 252 -4.69 -15.83 38.13
C PRO C 252 -4.62 -14.32 37.85
N GLY C 253 -4.30 -13.95 36.61
CA GLY C 253 -4.17 -12.55 36.23
C GLY C 253 -5.49 -11.81 36.00
N THR C 254 -5.42 -10.66 35.34
CA THR C 254 -6.60 -9.87 34.97
C THR C 254 -7.55 -10.69 34.09
N GLU C 255 -8.84 -10.66 34.43
CA GLU C 255 -9.87 -11.44 33.74
C GLU C 255 -9.96 -11.15 32.24
N THR C 256 -10.01 -9.88 31.87
CA THR C 256 -10.18 -9.48 30.47
C THR C 256 -9.02 -9.91 29.57
N HIS C 257 -7.80 -9.73 30.06
CA HIS C 257 -6.58 -10.04 29.30
C HIS C 257 -6.19 -11.49 29.36
N MET C 258 -7.09 -12.33 29.87
CA MET C 258 -6.80 -13.75 30.09
C MET C 258 -6.99 -14.60 28.82
N ALA C 259 -6.08 -15.56 28.62
CA ALA C 259 -6.12 -16.47 27.46
C ALA C 259 -7.11 -17.62 27.66
N PRO C 260 -7.58 -18.23 26.53
CA PRO C 260 -8.54 -19.32 26.60
C PRO C 260 -8.01 -20.57 27.32
N GLU C 261 -6.80 -20.99 26.97
CA GLU C 261 -6.18 -22.17 27.60
C GLU C 261 -6.13 -22.05 29.12
N VAL C 262 -5.98 -20.82 29.61
CA VAL C 262 -5.99 -20.53 31.03
C VAL C 262 -7.37 -20.85 31.63
N VAL C 263 -8.42 -20.33 31.01
CA VAL C 263 -9.79 -20.53 31.49
C VAL C 263 -10.34 -21.93 31.22
N LEU C 264 -9.73 -22.63 30.27
CA LEU C 264 -10.13 -24.02 29.97
C LEU C 264 -9.51 -25.04 30.93
N GLY C 265 -8.53 -24.61 31.72
CA GLY C 265 -7.84 -25.51 32.65
C GLY C 265 -6.62 -26.16 32.01
N ARG C 266 -6.48 -25.98 30.69
CA ARG C 266 -5.36 -26.50 29.89
C ARG C 266 -4.01 -25.98 30.40
N SER C 267 -2.95 -26.74 30.12
CA SER C 267 -1.59 -26.37 30.52
C SER C 267 -1.17 -25.01 29.95
N CYS C 268 -0.25 -24.35 30.66
CA CYS C 268 0.14 -22.99 30.30
C CYS C 268 1.62 -22.81 29.99
N ASP C 269 1.86 -22.15 28.87
CA ASP C 269 3.19 -21.84 28.39
C ASP C 269 3.30 -20.34 28.15
N ALA C 270 4.51 -19.88 27.82
CA ALA C 270 4.81 -18.47 27.56
C ALA C 270 3.77 -17.74 26.70
N LYS C 271 3.05 -18.50 25.86
CA LYS C 271 2.09 -17.94 24.90
C LYS C 271 0.97 -17.09 25.50
N VAL C 272 0.61 -17.35 26.76
CA VAL C 272 -0.44 -16.57 27.43
C VAL C 272 -0.12 -15.07 27.45
N ASP C 273 1.16 -14.75 27.61
CA ASP C 273 1.64 -13.36 27.60
C ASP C 273 1.42 -12.69 26.24
N VAL C 274 1.48 -13.48 25.17
CA VAL C 274 1.24 -13.01 23.82
C VAL C 274 -0.23 -12.60 23.66
N TRP C 275 -1.12 -13.48 24.15
CA TRP C 275 -2.54 -13.25 24.10
C TRP C 275 -2.93 -11.99 24.84
N SER C 276 -2.36 -11.83 26.04
CA SER C 276 -2.67 -10.69 26.89
C SER C 276 -2.17 -9.39 26.28
N SER C 277 -0.94 -9.40 25.77
CA SER C 277 -0.36 -8.22 25.13
C SER C 277 -1.27 -7.70 24.02
N CYS C 278 -1.94 -8.62 23.32
CA CYS C 278 -2.85 -8.24 22.25
C CYS C 278 -4.16 -7.68 22.77
N CYS C 279 -4.61 -8.19 23.92
CA CYS C 279 -5.73 -7.59 24.65
C CYS C 279 -5.33 -6.16 25.09
N MET C 280 -4.06 -6.00 25.44
CA MET C 280 -3.53 -4.69 25.78
C MET C 280 -3.53 -3.80 24.55
N MET C 281 -3.16 -4.38 23.40
CA MET C 281 -3.12 -3.62 22.16
C MET C 281 -4.52 -3.11 21.83
N LEU C 282 -5.49 -4.02 21.88
CA LEU C 282 -6.90 -3.66 21.67
C LEU C 282 -7.33 -2.53 22.60
N HIS C 283 -6.92 -2.61 23.86
CA HIS C 283 -7.24 -1.61 24.88
C HIS C 283 -6.70 -0.25 24.54
N MET C 284 -5.47 -0.20 24.03
CA MET C 284 -4.79 1.07 23.70
C MET C 284 -5.45 1.81 22.54
N LEU C 285 -5.92 1.06 21.56
CA LEU C 285 -6.54 1.64 20.37
C LEU C 285 -8.01 1.99 20.60
N ASN C 286 -8.73 1.11 21.31
CA ASN C 286 -10.17 1.28 21.55
C ASN C 286 -10.50 2.23 22.69
N GLY C 287 -9.55 2.38 23.61
CA GLY C 287 -9.78 3.19 24.81
C GLY C 287 -10.49 2.46 25.92
N CYS C 288 -10.67 1.15 25.76
CA CYS C 288 -11.24 0.28 26.80
C CYS C 288 -10.85 -1.18 26.55
N HIS C 289 -11.03 -2.01 27.58
CA HIS C 289 -10.65 -3.43 27.53
C HIS C 289 -11.48 -4.22 26.53
N PRO C 290 -10.94 -5.35 26.04
CA PRO C 290 -11.72 -6.29 25.24
C PRO C 290 -12.90 -6.86 26.04
N TRP C 291 -13.95 -7.26 25.34
CA TRP C 291 -15.18 -7.82 25.94
C TRP C 291 -16.02 -6.80 26.69
N THR C 292 -15.35 -5.91 27.41
CA THR C 292 -15.98 -4.90 28.28
C THR C 292 -17.25 -4.24 27.71
N GLN C 293 -17.14 -3.69 26.50
CA GLN C 293 -18.21 -2.92 25.87
C GLN C 293 -19.44 -3.76 25.59
N PHE C 294 -19.23 -4.99 25.15
CA PHE C 294 -20.28 -5.80 24.56
C PHE C 294 -21.09 -6.57 25.60
N PHE C 295 -20.56 -7.69 26.08
CA PHE C 295 -21.25 -8.49 27.08
C PHE C 295 -20.46 -8.54 28.37
N ARG C 296 -21.18 -8.58 29.49
CA ARG C 296 -20.57 -8.63 30.80
C ARG C 296 -21.31 -9.58 31.73
N GLY C 297 -20.71 -9.85 32.88
CA GLY C 297 -21.22 -10.81 33.85
C GLY C 297 -20.07 -11.70 34.29
N PRO C 298 -20.13 -12.99 33.94
CA PRO C 298 -18.95 -13.86 34.04
C PRO C 298 -18.17 -13.89 32.72
N LEU C 299 -17.13 -13.07 32.64
CA LEU C 299 -16.36 -12.89 31.40
C LEU C 299 -15.45 -14.05 31.04
N CYS C 300 -14.91 -14.71 32.08
CA CYS C 300 -13.99 -15.82 31.86
C CYS C 300 -14.61 -16.93 31.01
N LEU C 301 -15.86 -17.28 31.29
CA LEU C 301 -16.55 -18.32 30.52
C LEU C 301 -16.93 -17.86 29.10
N LYS C 302 -16.95 -16.55 28.89
CA LYS C 302 -17.12 -15.97 27.55
C LYS C 302 -15.80 -15.93 26.77
N ILE C 303 -14.69 -16.06 27.49
CA ILE C 303 -13.38 -16.22 26.86
C ILE C 303 -13.26 -17.64 26.31
N ALA C 304 -13.95 -18.57 26.97
CA ALA C 304 -13.97 -19.97 26.55
C ALA C 304 -14.83 -20.22 25.32
N SER C 305 -16.14 -20.02 25.47
CA SER C 305 -17.12 -20.43 24.46
C SER C 305 -17.08 -19.67 23.13
N GLU C 306 -16.76 -18.38 23.17
CA GLU C 306 -16.89 -17.51 22.00
C GLU C 306 -15.57 -17.27 21.24
N PRO C 307 -15.66 -16.95 19.93
CA PRO C 307 -14.55 -16.50 19.08
C PRO C 307 -13.69 -15.40 19.72
N PRO C 308 -12.44 -15.21 19.21
CA PRO C 308 -11.52 -14.23 19.79
C PRO C 308 -12.01 -12.81 19.55
N PRO C 309 -11.58 -11.85 20.39
CA PRO C 309 -12.00 -10.45 20.21
C PRO C 309 -11.32 -9.78 19.01
N VAL C 310 -11.13 -10.57 17.95
CA VAL C 310 -10.64 -10.07 16.66
C VAL C 310 -11.60 -9.01 16.13
N ARG C 311 -12.90 -9.23 16.36
CA ARG C 311 -13.95 -8.31 15.94
C ARG C 311 -13.79 -6.92 16.56
N GLU C 312 -13.04 -6.84 17.66
CA GLU C 312 -12.78 -5.57 18.34
C GLU C 312 -11.58 -4.80 17.77
N ILE C 313 -11.07 -5.30 16.64
CA ILE C 313 -10.03 -4.60 15.88
C ILE C 313 -10.66 -3.40 15.18
N PRO C 314 -10.02 -2.22 15.26
CA PRO C 314 -10.56 -1.06 14.54
C PRO C 314 -10.31 -1.19 13.04
N PRO C 315 -11.31 -0.83 12.20
CA PRO C 315 -11.16 -0.90 10.74
C PRO C 315 -10.26 0.21 10.20
N SER C 316 -9.90 1.16 11.06
CA SER C 316 -9.05 2.30 10.70
C SER C 316 -7.57 1.92 10.62
N CYS C 317 -7.23 0.76 11.15
CA CYS C 317 -5.84 0.32 11.29
C CYS C 317 -5.21 -0.12 9.98
N ALA C 318 -3.88 -0.15 9.97
CA ALA C 318 -3.10 -0.72 8.88
C ALA C 318 -3.33 -2.23 8.81
N PRO C 319 -3.24 -2.82 7.60
CA PRO C 319 -3.51 -4.25 7.42
C PRO C 319 -2.57 -5.15 8.21
N LEU C 320 -1.30 -4.75 8.30
CA LEU C 320 -0.30 -5.53 9.03
C LEU C 320 -0.52 -5.43 10.54
N THR C 321 -1.00 -4.27 10.99
CA THR C 321 -1.39 -4.05 12.38
C THR C 321 -2.45 -5.06 12.79
N ALA C 322 -3.50 -5.17 11.98
CA ALA C 322 -4.62 -6.07 12.23
C ALA C 322 -4.19 -7.53 12.22
N GLN C 323 -3.46 -7.93 11.18
CA GLN C 323 -2.98 -9.31 11.02
C GLN C 323 -2.16 -9.78 12.22
N ALA C 324 -1.30 -8.89 12.73
CA ALA C 324 -0.48 -9.19 13.90
C ALA C 324 -1.33 -9.49 15.13
N ILE C 325 -2.35 -8.67 15.35
CA ILE C 325 -3.28 -8.87 16.46
C ILE C 325 -4.05 -10.19 16.31
N GLN C 326 -4.49 -10.48 15.09
CA GLN C 326 -5.21 -11.72 14.79
C GLN C 326 -4.38 -12.95 15.12
N GLU C 327 -3.12 -12.92 14.68
CA GLU C 327 -2.19 -14.03 14.89
C GLU C 327 -1.73 -14.10 16.36
N GLY C 328 -1.95 -13.01 17.08
CA GLY C 328 -1.70 -12.97 18.52
C GLY C 328 -2.89 -13.46 19.32
N LEU C 329 -4.08 -13.37 18.74
CA LEU C 329 -5.31 -13.79 19.41
C LEU C 329 -5.84 -15.13 18.91
N ARG C 330 -4.94 -16.00 18.46
CA ARG C 330 -5.31 -17.33 18.04
C ARG C 330 -5.60 -18.16 19.29
N LYS C 331 -6.78 -18.78 19.32
CA LYS C 331 -7.25 -19.49 20.52
C LYS C 331 -6.40 -20.72 20.86
N GLU C 332 -5.74 -21.29 19.86
CA GLU C 332 -4.80 -22.39 20.10
C GLU C 332 -3.40 -21.82 20.34
N PRO C 333 -2.84 -22.06 21.56
CA PRO C 333 -1.52 -21.56 21.96
C PRO C 333 -0.41 -21.95 20.97
N ILE C 334 -0.49 -23.18 20.47
CA ILE C 334 0.49 -23.71 19.53
C ILE C 334 0.51 -22.91 18.22
N HIS C 335 -0.69 -22.60 17.70
CA HIS C 335 -0.82 -21.82 16.46
C HIS C 335 -0.49 -20.37 16.66
N ARG C 336 -0.69 -19.89 17.89
CA ARG C 336 -0.42 -18.50 18.26
C ARG C 336 1.08 -18.23 18.24
N VAL C 337 1.45 -17.08 17.70
CA VAL C 337 2.85 -16.68 17.58
C VAL C 337 3.52 -16.44 18.93
N SER C 338 4.86 -16.46 18.94
CA SER C 338 5.63 -16.15 20.14
C SER C 338 5.81 -14.63 20.27
N ALA C 339 6.36 -14.21 21.41
CA ALA C 339 6.63 -12.80 21.67
C ALA C 339 7.61 -12.23 20.64
N ALA C 340 8.59 -13.05 20.25
CA ALA C 340 9.58 -12.68 19.25
C ALA C 340 8.95 -12.55 17.85
N GLU C 341 8.17 -13.58 17.48
CA GLU C 341 7.42 -13.58 16.22
C GLU C 341 6.61 -12.31 16.08
N LEU C 342 5.76 -12.06 17.09
CA LEU C 342 4.90 -10.87 17.12
C LEU C 342 5.69 -9.57 17.21
N GLY C 343 6.80 -9.59 17.95
CA GLY C 343 7.67 -8.43 18.11
C GLY C 343 8.27 -7.94 16.81
N GLY C 344 8.58 -8.87 15.92
CA GLY C 344 9.06 -8.54 14.59
C GLY C 344 7.97 -7.87 13.77
N LYS C 345 6.79 -8.47 13.77
CA LYS C 345 5.65 -8.00 12.98
C LYS C 345 5.12 -6.63 13.44
N VAL C 346 5.36 -6.31 14.71
CA VAL C 346 4.99 -5.00 15.28
C VAL C 346 5.99 -3.91 14.84
N ASN C 347 7.28 -4.23 14.94
CA ASN C 347 8.34 -3.39 14.39
C ASN C 347 8.13 -3.14 12.89
N ARG C 348 7.56 -4.15 12.23
CA ARG C 348 7.24 -4.10 10.82
C ARG C 348 6.11 -3.12 10.52
N ALA C 349 5.05 -3.17 11.34
CA ALA C 349 3.85 -2.34 11.13
C ALA C 349 4.06 -0.88 11.52
N LEU C 350 4.99 -0.63 12.43
CA LEU C 350 5.30 0.74 12.87
C LEU C 350 5.84 1.58 11.72
N GLN C 351 6.74 0.98 10.93
CA GLN C 351 7.35 1.65 9.79
C GLN C 351 6.32 1.99 8.72
N GLN C 352 5.41 1.06 8.45
CA GLN C 352 4.33 1.26 7.50
C GLN C 352 3.34 2.29 8.04
N SER D 27 13.89 -45.54 -26.85
CA SER D 27 14.46 -46.00 -28.15
C SER D 27 15.16 -44.88 -28.88
N VAL D 28 14.54 -43.70 -28.88
CA VAL D 28 15.08 -42.55 -29.60
C VAL D 28 16.03 -41.72 -28.72
N GLU D 29 15.75 -41.63 -27.42
CA GLU D 29 16.68 -40.96 -26.50
C GLU D 29 18.05 -41.61 -26.54
N GLU D 30 18.05 -42.94 -26.60
CA GLU D 30 19.29 -43.73 -26.66
C GLU D 30 19.79 -43.93 -28.09
N TYR D 31 19.18 -43.24 -29.05
CA TYR D 31 19.64 -43.23 -30.43
C TYR D 31 20.39 -41.93 -30.70
N LEU D 32 20.06 -40.89 -29.94
CA LEU D 32 20.68 -39.56 -30.07
C LEU D 32 21.85 -39.37 -29.09
N VAL D 33 22.08 -40.36 -28.23
CA VAL D 33 23.27 -40.38 -27.39
C VAL D 33 24.50 -40.84 -28.18
N HIS D 34 24.29 -41.75 -29.14
CA HIS D 34 25.34 -42.16 -30.06
C HIS D 34 25.96 -40.97 -30.73
N ALA D 35 25.10 -40.08 -31.22
CA ALA D 35 25.53 -38.83 -31.85
C ALA D 35 26.35 -37.97 -30.89
N LEU D 36 25.96 -37.99 -29.61
CA LEU D 36 26.63 -37.17 -28.59
C LEU D 36 27.94 -37.79 -28.12
N GLN D 37 27.95 -39.11 -28.01
CA GLN D 37 29.11 -39.87 -27.56
C GLN D 37 30.28 -39.76 -28.53
N GLY D 38 31.49 -39.85 -27.98
CA GLY D 38 32.71 -39.93 -28.77
C GLY D 38 33.26 -38.57 -29.19
N SER D 39 32.59 -37.50 -28.77
CA SER D 39 32.99 -36.16 -29.14
C SER D 39 32.58 -35.18 -28.05
N VAL D 40 33.37 -34.13 -27.87
CA VAL D 40 33.06 -33.06 -26.92
C VAL D 40 32.51 -31.87 -27.70
N SER D 41 31.32 -31.39 -27.31
CA SER D 41 30.66 -30.33 -28.06
C SER D 41 30.25 -29.14 -27.19
N SER D 42 29.96 -28.01 -27.84
CA SER D 42 29.32 -26.87 -27.18
C SER D 42 27.84 -27.06 -27.32
N GLY D 43 27.18 -27.48 -26.24
CA GLY D 43 25.76 -27.80 -26.30
C GLY D 43 24.91 -27.22 -25.20
N GLN D 44 23.68 -27.71 -25.11
CA GLN D 44 22.70 -27.23 -24.17
C GLN D 44 22.64 -28.18 -22.98
N ALA D 45 22.03 -27.73 -21.88
CA ALA D 45 21.98 -28.49 -20.63
C ALA D 45 21.38 -29.90 -20.76
N HIS D 46 20.31 -30.02 -21.54
CA HIS D 46 19.63 -31.31 -21.72
C HIS D 46 20.48 -32.33 -22.41
N SER D 47 21.46 -31.86 -23.19
CA SER D 47 22.36 -32.74 -23.93
C SER D 47 23.33 -33.41 -22.97
N LEU D 48 23.88 -32.60 -22.06
CA LEU D 48 24.81 -33.09 -21.05
C LEU D 48 24.13 -34.13 -20.18
N THR D 49 22.92 -33.83 -19.75
CA THR D 49 22.10 -34.70 -18.89
C THR D 49 21.95 -36.11 -19.48
N SER D 50 21.49 -36.19 -20.73
CA SER D 50 21.30 -37.46 -21.40
C SER D 50 22.60 -38.24 -21.47
N LEU D 51 23.69 -37.51 -21.67
CA LEU D 51 25.01 -38.11 -21.74
C LEU D 51 25.53 -38.50 -20.37
N ALA D 52 25.07 -37.80 -19.34
CA ALA D 52 25.45 -38.11 -17.97
C ALA D 52 24.78 -39.41 -17.50
N LYS D 53 23.52 -39.60 -17.90
CA LYS D 53 22.81 -40.87 -17.64
C LYS D 53 23.64 -42.04 -18.17
N THR D 54 24.25 -41.83 -19.33
CA THR D 54 25.09 -42.81 -19.98
C THR D 54 26.36 -43.10 -19.18
N TRP D 55 26.96 -42.07 -18.60
CA TRP D 55 28.18 -42.24 -17.81
C TRP D 55 27.94 -43.06 -16.59
N ALA D 56 26.76 -42.88 -15.98
CA ALA D 56 26.33 -43.68 -14.84
C ALA D 56 25.72 -45.01 -15.30
N ALA D 57 26.55 -45.85 -15.92
CA ALA D 57 26.13 -47.17 -16.41
C ALA D 57 27.33 -47.91 -16.99
N ASP D 71 39.74 -41.79 -25.09
CA ASP D 71 38.28 -41.89 -25.13
C ASP D 71 37.62 -40.67 -24.46
N ASN D 72 37.19 -39.73 -25.29
CA ASN D 72 36.93 -38.35 -24.83
C ASN D 72 35.64 -37.80 -25.43
N GLU D 73 34.71 -37.43 -24.56
CA GLU D 73 33.36 -37.03 -24.97
C GLU D 73 32.71 -36.15 -23.89
N GLY D 74 31.81 -35.26 -24.30
CA GLY D 74 31.09 -34.42 -23.33
C GLY D 74 30.54 -33.12 -23.87
N VAL D 75 29.89 -32.36 -22.98
CA VAL D 75 29.28 -31.09 -23.34
C VAL D 75 29.80 -29.95 -22.47
N LEU D 76 30.12 -28.84 -23.12
CA LEU D 76 30.50 -27.61 -22.42
C LEU D 76 29.41 -26.57 -22.63
N LEU D 77 29.00 -25.90 -21.56
CA LEU D 77 27.79 -25.07 -21.60
C LEU D 77 28.05 -23.58 -21.84
N THR D 78 29.30 -23.16 -21.64
CA THR D 78 29.66 -21.76 -21.84
C THR D 78 30.72 -21.63 -22.93
N GLU D 79 30.63 -20.57 -23.72
CA GLU D 79 31.62 -20.31 -24.77
C GLU D 79 33.02 -20.11 -24.18
N LYS D 80 33.06 -19.79 -22.89
CA LYS D 80 34.33 -19.60 -22.16
C LYS D 80 35.16 -20.88 -22.15
N LEU D 81 34.49 -22.02 -22.16
CA LEU D 81 35.16 -23.31 -22.31
C LEU D 81 34.96 -23.78 -23.75
N LYS D 82 36.04 -23.79 -24.52
CA LYS D 82 35.97 -24.06 -25.94
C LYS D 82 36.69 -25.36 -26.31
N PRO D 83 35.95 -26.33 -26.89
CA PRO D 83 36.58 -27.57 -27.35
C PRO D 83 37.42 -27.34 -28.61
N VAL D 84 38.39 -28.22 -28.85
CA VAL D 84 39.20 -28.16 -30.06
C VAL D 84 39.13 -29.50 -30.77
N ASP D 85 38.76 -29.48 -32.04
CA ASP D 85 38.73 -30.67 -32.90
C ASP D 85 38.13 -31.89 -32.19
N TYR D 86 36.91 -31.71 -31.69
CA TYR D 86 36.11 -32.80 -31.11
C TYR D 86 36.60 -33.27 -29.74
N GLU D 87 37.66 -32.63 -29.24
CA GLU D 87 38.28 -33.03 -27.97
C GLU D 87 38.37 -31.91 -26.93
N TYR D 88 38.45 -32.32 -25.67
CA TYR D 88 38.75 -31.43 -24.56
C TYR D 88 39.47 -32.25 -23.50
N ARG D 89 40.80 -32.35 -23.65
CA ARG D 89 41.65 -33.18 -22.82
C ARG D 89 42.48 -32.36 -21.83
N GLU D 90 42.60 -32.89 -20.61
CA GLU D 90 43.47 -32.33 -19.57
C GLU D 90 44.92 -32.28 -20.03
N GLU D 91 45.62 -31.22 -19.63
CA GLU D 91 47.01 -30.94 -20.04
C GLU D 91 47.17 -30.57 -21.53
N VAL D 92 46.13 -30.80 -22.32
CA VAL D 92 46.18 -30.51 -23.75
C VAL D 92 45.32 -29.29 -24.10
N HIS D 93 44.10 -29.24 -23.57
CA HIS D 93 43.18 -28.17 -23.90
C HIS D 93 42.88 -27.31 -22.70
N TRP D 94 43.09 -27.90 -21.52
CA TRP D 94 42.97 -27.19 -20.25
C TRP D 94 43.94 -27.75 -19.26
N ALA D 95 44.39 -26.91 -18.33
CA ALA D 95 45.37 -27.32 -17.33
C ALA D 95 44.88 -27.00 -15.92
N THR D 96 45.33 -27.80 -14.95
CA THR D 96 44.98 -27.60 -13.53
C THR D 96 46.01 -26.75 -12.78
N HIS D 97 45.52 -26.04 -11.76
CA HIS D 97 46.35 -25.28 -10.84
C HIS D 97 45.83 -25.50 -9.44
N GLY D 102 44.34 -28.25 -4.70
CA GLY D 102 43.03 -28.85 -4.55
C GLY D 102 42.48 -28.85 -3.13
N ARG D 103 41.15 -28.85 -3.01
CA ARG D 103 40.48 -28.94 -1.72
C ARG D 103 39.06 -29.51 -1.84
N GLY D 104 38.97 -30.83 -1.86
CA GLY D 104 37.70 -31.54 -1.85
C GLY D 104 37.72 -32.69 -0.86
N SER D 105 36.71 -33.55 -0.92
CA SER D 105 36.63 -34.74 -0.06
C SER D 105 37.50 -35.88 -0.58
N PHE D 106 38.22 -35.62 -1.68
CA PHE D 106 39.16 -36.57 -2.28
C PHE D 106 40.34 -35.81 -2.87
N GLY D 107 40.47 -34.54 -2.53
CA GLY D 107 41.41 -33.64 -3.21
C GLY D 107 41.10 -33.60 -4.69
N GLU D 108 39.81 -33.53 -4.99
CA GLU D 108 39.27 -33.77 -6.32
C GLU D 108 38.96 -32.49 -7.07
N VAL D 109 38.98 -31.36 -6.35
CA VAL D 109 38.58 -30.07 -6.89
C VAL D 109 39.79 -29.15 -7.04
N HIS D 110 39.96 -28.57 -8.23
CA HIS D 110 41.06 -27.63 -8.46
C HIS D 110 40.66 -26.37 -9.17
N ARG D 111 41.62 -25.46 -9.29
CA ARG D 111 41.53 -24.31 -10.17
C ARG D 111 41.96 -24.80 -11.56
N MET D 112 41.41 -24.22 -12.63
CA MET D 112 41.77 -24.62 -13.98
C MET D 112 41.70 -23.48 -15.00
N GLU D 113 42.44 -23.64 -16.10
CA GLU D 113 42.50 -22.62 -17.13
C GLU D 113 42.33 -23.24 -18.52
N ASP D 114 41.33 -22.75 -19.27
CA ASP D 114 41.16 -23.08 -20.66
C ASP D 114 42.35 -22.52 -21.43
N LYS D 115 43.07 -23.39 -22.13
CA LYS D 115 44.33 -23.01 -22.76
C LYS D 115 44.21 -22.02 -23.92
N GLN D 116 43.10 -22.06 -24.65
CA GLN D 116 42.90 -21.13 -25.76
C GLN D 116 42.12 -19.86 -25.38
N THR D 117 41.26 -19.96 -24.37
CA THR D 117 40.47 -18.82 -23.89
C THR D 117 41.21 -18.00 -22.83
N GLY D 118 41.84 -18.70 -21.89
CA GLY D 118 42.48 -18.06 -20.74
C GLY D 118 41.52 -17.87 -19.59
N PHE D 119 40.32 -18.42 -19.74
CA PHE D 119 39.26 -18.32 -18.73
C PHE D 119 39.52 -19.26 -17.56
N GLN D 120 39.30 -18.77 -16.35
CA GLN D 120 39.54 -19.55 -15.14
C GLN D 120 38.27 -19.94 -14.37
N CYS D 121 38.09 -21.25 -14.17
CA CYS D 121 36.99 -21.79 -13.38
C CYS D 121 37.49 -22.93 -12.49
N ALA D 122 36.59 -23.82 -12.08
CA ALA D 122 36.97 -24.94 -11.22
C ALA D 122 36.60 -26.32 -11.78
N VAL D 123 37.40 -27.32 -11.46
CA VAL D 123 37.13 -28.71 -11.88
C VAL D 123 36.85 -29.60 -10.68
N LYS D 124 35.85 -30.45 -10.81
CA LYS D 124 35.68 -31.57 -9.90
C LYS D 124 35.83 -32.85 -10.69
N LYS D 125 36.99 -33.49 -10.53
CA LYS D 125 37.26 -34.79 -11.14
C LYS D 125 36.54 -35.89 -10.38
N VAL D 126 35.70 -36.64 -11.10
CA VAL D 126 34.98 -37.74 -10.49
C VAL D 126 35.32 -39.03 -11.22
N ARG D 127 35.50 -40.11 -10.47
CA ARG D 127 35.67 -41.43 -11.05
C ARG D 127 34.40 -41.84 -11.76
N LEU D 128 34.55 -42.53 -12.89
CA LEU D 128 33.43 -42.99 -13.68
C LEU D 128 32.59 -44.03 -12.91
N GLU D 129 33.27 -44.92 -12.16
CA GLU D 129 32.61 -45.96 -11.36
C GLU D 129 31.70 -45.37 -10.28
N VAL D 130 32.18 -44.32 -9.62
CA VAL D 130 31.46 -43.69 -8.52
C VAL D 130 30.47 -42.61 -9.02
N PHE D 131 30.49 -42.34 -10.32
CA PHE D 131 29.68 -41.25 -10.90
C PHE D 131 28.17 -41.49 -10.84
N ARG D 132 27.45 -40.47 -10.39
CA ARG D 132 26.00 -40.46 -10.37
C ARG D 132 25.51 -39.28 -11.21
N ALA D 133 24.56 -39.55 -12.11
CA ALA D 133 24.03 -38.53 -13.02
C ALA D 133 23.55 -37.28 -12.29
N GLU D 134 23.05 -37.49 -11.08
CA GLU D 134 22.43 -36.44 -10.28
C GLU D 134 23.37 -35.28 -9.90
N GLU D 135 24.68 -35.54 -9.85
CA GLU D 135 25.68 -34.47 -9.76
C GLU D 135 25.34 -33.37 -10.75
N LEU D 136 25.14 -33.76 -12.02
CA LEU D 136 24.82 -32.81 -13.07
C LEU D 136 23.33 -32.51 -13.16
N MET D 137 22.52 -33.55 -13.05
CA MET D 137 21.06 -33.42 -13.24
C MET D 137 20.43 -32.37 -12.32
N ALA D 138 20.98 -32.25 -11.11
CA ALA D 138 20.51 -31.30 -10.13
C ALA D 138 21.34 -30.01 -10.16
N CYS D 139 21.93 -29.70 -11.31
CA CYS D 139 22.88 -28.60 -11.42
C CYS D 139 22.74 -27.86 -12.74
N ALA D 140 22.48 -28.62 -13.80
CA ALA D 140 22.47 -28.14 -15.18
C ALA D 140 21.44 -27.03 -15.46
N GLY D 141 21.96 -25.86 -15.85
CA GLY D 141 21.16 -24.75 -16.34
C GLY D 141 20.27 -24.05 -15.33
N LEU D 142 20.48 -24.35 -14.04
CA LEU D 142 19.68 -23.74 -12.99
C LEU D 142 20.07 -22.27 -12.80
N THR D 143 19.18 -21.39 -13.24
CA THR D 143 19.39 -19.94 -13.16
C THR D 143 19.08 -19.44 -11.74
N SER D 144 20.07 -19.61 -10.86
CA SER D 144 19.99 -19.15 -9.48
C SER D 144 21.35 -18.67 -9.01
N PRO D 145 21.40 -17.50 -8.33
CA PRO D 145 22.67 -16.97 -7.85
C PRO D 145 23.15 -17.72 -6.62
N ARG D 146 22.26 -18.47 -5.98
CA ARG D 146 22.56 -19.18 -4.75
C ARG D 146 23.04 -20.61 -4.99
N ILE D 147 23.22 -20.96 -6.26
CA ILE D 147 23.75 -22.27 -6.66
C ILE D 147 24.83 -22.10 -7.72
N VAL D 148 26.00 -22.65 -7.43
CA VAL D 148 27.17 -22.55 -8.30
C VAL D 148 26.79 -22.95 -9.72
N PRO D 149 27.08 -22.05 -10.69
CA PRO D 149 26.79 -22.36 -12.09
C PRO D 149 27.65 -23.52 -12.58
N LEU D 150 27.00 -24.49 -13.21
CA LEU D 150 27.68 -25.61 -13.83
C LEU D 150 28.10 -25.18 -15.22
N TYR D 151 29.39 -25.31 -15.51
CA TYR D 151 29.92 -24.87 -16.79
C TYR D 151 29.98 -25.95 -17.86
N GLY D 152 29.79 -27.20 -17.44
CA GLY D 152 29.78 -28.34 -18.35
C GLY D 152 30.46 -29.54 -17.73
N ALA D 153 30.47 -30.65 -18.46
CA ALA D 153 31.17 -31.86 -18.02
C ALA D 153 31.75 -32.60 -19.20
N VAL D 154 33.02 -33.02 -19.05
CA VAL D 154 33.71 -33.76 -20.11
C VAL D 154 34.30 -35.03 -19.53
N ARG D 155 33.97 -36.17 -20.13
CA ARG D 155 34.60 -37.44 -19.76
C ARG D 155 35.91 -37.63 -20.52
N GLU D 156 36.89 -38.23 -19.83
CA GLU D 156 38.14 -38.62 -20.46
C GLU D 156 38.67 -39.92 -19.86
N GLY D 157 38.31 -41.03 -20.49
CA GLY D 157 38.77 -42.34 -20.05
C GLY D 157 38.04 -42.75 -18.79
N PRO D 158 38.78 -42.86 -17.66
CA PRO D 158 38.17 -43.18 -16.37
C PRO D 158 37.69 -41.95 -15.57
N TRP D 159 37.93 -40.75 -16.07
CA TRP D 159 37.52 -39.54 -15.36
C TRP D 159 36.34 -38.86 -15.97
N VAL D 160 35.45 -38.38 -15.12
CA VAL D 160 34.39 -37.44 -15.52
C VAL D 160 34.73 -36.11 -14.89
N ASN D 161 35.12 -35.16 -15.73
CA ASN D 161 35.49 -33.83 -15.30
C ASN D 161 34.30 -32.88 -15.30
N ILE D 162 33.90 -32.47 -14.10
CA ILE D 162 32.83 -31.49 -13.94
C ILE D 162 33.43 -30.10 -13.82
N PHE D 163 32.94 -29.18 -14.63
CA PHE D 163 33.41 -27.80 -14.61
C PHE D 163 32.34 -26.87 -14.06
N MET D 164 32.77 -25.88 -13.30
CA MET D 164 31.85 -24.93 -12.64
C MET D 164 32.56 -23.63 -12.29
N GLU D 165 31.79 -22.62 -11.93
CA GLU D 165 32.36 -21.33 -11.56
C GLU D 165 33.22 -21.46 -10.31
N LEU D 166 34.39 -20.84 -10.33
CA LEU D 166 35.26 -20.80 -9.17
C LEU D 166 34.89 -19.58 -8.34
N LEU D 167 34.55 -19.82 -7.08
CA LEU D 167 34.23 -18.73 -6.16
C LEU D 167 35.45 -18.35 -5.33
N GLU D 168 35.89 -17.10 -5.47
CA GLU D 168 37.21 -16.65 -5.02
C GLU D 168 37.50 -16.79 -3.52
N GLY D 169 36.44 -16.72 -2.70
CA GLY D 169 36.60 -16.64 -1.25
C GLY D 169 36.33 -17.89 -0.43
N GLY D 170 36.71 -19.05 -0.96
CA GLY D 170 36.65 -20.32 -0.23
C GLY D 170 35.28 -20.75 0.28
N SER D 171 35.27 -21.83 1.07
CA SER D 171 34.03 -22.40 1.59
C SER D 171 33.67 -21.84 2.96
N LEU D 172 32.40 -21.98 3.32
CA LEU D 172 31.88 -21.53 4.61
C LEU D 172 32.49 -22.31 5.77
N GLY D 173 32.77 -23.59 5.52
CA GLY D 173 33.46 -24.44 6.50
C GLY D 173 34.87 -23.94 6.79
N GLN D 174 35.53 -23.43 5.75
CA GLN D 174 36.86 -22.83 5.87
C GLN D 174 36.84 -21.52 6.65
N LEU D 175 35.72 -20.80 6.59
CA LEU D 175 35.56 -19.55 7.34
C LEU D 175 35.34 -19.79 8.83
N VAL D 176 34.61 -20.86 9.15
CA VAL D 176 34.38 -21.26 10.54
C VAL D 176 35.70 -21.75 11.16
N LYS D 177 36.48 -22.51 10.39
CA LYS D 177 37.80 -22.98 10.82
C LYS D 177 38.75 -21.82 11.11
N GLU D 178 38.79 -20.83 10.22
CA GLU D 178 39.63 -19.65 10.40
C GLU D 178 39.23 -18.86 11.65
N GLN D 179 38.05 -18.24 11.61
CA GLN D 179 37.53 -17.50 12.77
C GLN D 179 36.63 -18.42 13.58
N GLY D 180 37.14 -18.89 14.71
CA GLY D 180 36.46 -19.87 15.57
C GLY D 180 34.95 -19.92 15.49
N CYS D 181 34.32 -18.76 15.67
CA CYS D 181 32.86 -18.64 15.58
C CYS D 181 32.48 -17.64 14.50
N LEU D 182 31.23 -17.72 14.05
CA LEU D 182 30.65 -16.68 13.23
C LEU D 182 29.63 -15.89 14.03
N PRO D 183 29.70 -14.54 13.96
CA PRO D 183 28.75 -13.68 14.66
C PRO D 183 27.32 -14.00 14.28
N GLU D 184 26.40 -13.90 15.24
CA GLU D 184 25.00 -14.30 15.06
C GLU D 184 24.38 -13.71 13.80
N ASP D 185 24.63 -12.43 13.55
CA ASP D 185 24.04 -11.71 12.42
C ASP D 185 24.59 -12.16 11.06
N ARG D 186 25.87 -12.52 11.03
CA ARG D 186 26.52 -12.95 9.78
C ARG D 186 26.17 -14.39 9.45
N ALA D 187 25.98 -15.21 10.49
CA ALA D 187 25.59 -16.61 10.32
C ALA D 187 24.16 -16.77 9.81
N LEU D 188 23.29 -15.82 10.17
CA LEU D 188 21.91 -15.80 9.68
C LEU D 188 21.85 -15.38 8.22
N TYR D 189 22.75 -14.48 7.83
CA TYR D 189 22.81 -13.94 6.48
C TYR D 189 23.18 -15.01 5.46
N TYR D 190 24.13 -15.88 5.83
CA TYR D 190 24.54 -16.99 4.97
C TYR D 190 23.50 -18.11 4.93
N LEU D 191 22.92 -18.44 6.07
CA LEU D 191 21.85 -19.43 6.16
C LEU D 191 20.64 -19.00 5.33
N GLY D 192 20.38 -17.70 5.31
CA GLY D 192 19.31 -17.13 4.49
C GLY D 192 19.55 -17.42 3.02
N GLN D 193 20.77 -17.15 2.58
CA GLN D 193 21.20 -17.43 1.21
C GLN D 193 21.15 -18.93 0.91
N ALA D 194 21.51 -19.74 1.90
CA ALA D 194 21.48 -21.19 1.77
C ALA D 194 20.05 -21.73 1.65
N LEU D 195 19.13 -21.15 2.43
CA LEU D 195 17.73 -21.59 2.39
C LEU D 195 17.02 -21.11 1.12
N GLU D 196 17.50 -20.00 0.56
CA GLU D 196 17.03 -19.50 -0.73
C GLU D 196 17.36 -20.49 -1.84
N GLY D 197 18.59 -20.98 -1.85
CA GLY D 197 19.02 -21.99 -2.81
C GLY D 197 18.25 -23.29 -2.68
N LEU D 198 18.03 -23.73 -1.43
CA LEU D 198 17.31 -24.98 -1.17
C LEU D 198 15.84 -24.91 -1.59
N GLU D 199 15.20 -23.80 -1.27
CA GLU D 199 13.84 -23.52 -1.72
C GLU D 199 13.72 -23.76 -3.22
N TYR D 200 14.65 -23.17 -3.97
CA TYR D 200 14.73 -23.32 -5.43
C TYR D 200 14.85 -24.80 -5.83
N LEU D 201 15.74 -25.52 -5.15
CA LEU D 201 15.96 -26.95 -5.43
C LEU D 201 14.71 -27.79 -5.19
N HIS D 202 14.07 -27.58 -4.04
CA HIS D 202 12.89 -28.35 -3.65
C HIS D 202 11.73 -28.06 -4.55
N SER D 203 11.61 -26.80 -4.97
CA SER D 203 10.60 -26.37 -5.93
C SER D 203 10.74 -27.10 -7.27
N ARG D 204 11.97 -27.53 -7.58
CA ARG D 204 12.24 -28.36 -8.74
C ARG D 204 12.32 -29.85 -8.40
N ARG D 205 11.76 -30.22 -7.24
CA ARG D 205 11.78 -31.61 -6.75
C ARG D 205 13.19 -32.20 -6.72
N ILE D 206 14.12 -31.43 -6.17
CA ILE D 206 15.52 -31.84 -6.07
C ILE D 206 16.01 -31.74 -4.63
N LEU D 207 16.68 -32.80 -4.16
CA LEU D 207 17.21 -32.86 -2.79
C LEU D 207 18.73 -32.82 -2.75
N HIS D 208 19.29 -31.78 -2.13
CA HIS D 208 20.76 -31.59 -2.05
C HIS D 208 21.43 -32.78 -1.43
N GLY D 209 20.84 -33.30 -0.35
CA GLY D 209 21.30 -34.56 0.26
C GLY D 209 22.51 -34.47 1.16
N ASP D 210 23.26 -33.37 1.06
CA ASP D 210 24.49 -33.19 1.83
C ASP D 210 24.77 -31.70 2.07
N VAL D 211 23.91 -31.05 2.85
CA VAL D 211 24.09 -29.63 3.16
C VAL D 211 25.03 -29.45 4.35
N LYS D 212 26.11 -28.71 4.13
CA LYS D 212 27.06 -28.34 5.20
C LYS D 212 27.86 -27.09 4.81
N ALA D 213 28.51 -26.49 5.80
CA ALA D 213 29.33 -25.30 5.61
C ALA D 213 30.43 -25.50 4.57
N ASP D 214 31.00 -26.70 4.53
CA ASP D 214 31.97 -27.08 3.50
C ASP D 214 31.36 -27.01 2.10
N ASN D 215 30.05 -27.28 2.02
CA ASN D 215 29.34 -27.31 0.74
C ASN D 215 28.66 -25.99 0.37
N VAL D 216 29.07 -24.92 1.05
CA VAL D 216 28.63 -23.57 0.72
C VAL D 216 29.84 -22.68 0.41
N LEU D 217 29.88 -22.14 -0.80
CA LEU D 217 31.00 -21.31 -1.25
C LEU D 217 30.65 -19.83 -1.23
N LEU D 218 31.68 -18.98 -1.15
CA LEU D 218 31.48 -17.53 -0.97
C LEU D 218 32.14 -16.70 -2.06
N SER D 219 31.58 -15.51 -2.31
CA SER D 219 32.13 -14.56 -3.29
C SER D 219 33.50 -14.04 -2.88
N SER D 220 34.09 -13.21 -3.73
CA SER D 220 35.40 -12.61 -3.47
C SER D 220 35.41 -11.76 -2.20
N ASP D 221 34.34 -10.99 -2.00
CA ASP D 221 34.22 -10.12 -0.84
C ASP D 221 33.47 -10.78 0.33
N GLY D 222 32.85 -11.93 0.08
CA GLY D 222 32.09 -12.65 1.09
C GLY D 222 30.60 -12.34 1.05
N SER D 223 30.24 -11.42 0.16
CA SER D 223 28.86 -10.96 -0.02
C SER D 223 27.90 -12.09 -0.39
N HIS D 224 28.29 -12.89 -1.38
CA HIS D 224 27.41 -13.91 -1.94
C HIS D 224 27.78 -15.31 -1.51
N ALA D 225 26.75 -16.14 -1.31
CA ALA D 225 26.91 -17.54 -0.92
C ALA D 225 26.18 -18.45 -1.90
N ALA D 226 26.79 -19.60 -2.21
CA ALA D 226 26.23 -20.53 -3.18
C ALA D 226 26.42 -22.00 -2.79
N LEU D 227 25.45 -22.84 -3.15
CA LEU D 227 25.47 -24.28 -2.86
C LEU D 227 26.23 -25.09 -3.91
N CYS D 228 27.03 -26.06 -3.44
CA CYS D 228 27.82 -26.93 -4.32
C CYS D 228 27.77 -28.40 -3.84
N ASP D 229 28.59 -29.24 -4.47
CA ASP D 229 28.72 -30.68 -4.13
C ASP D 229 27.37 -31.41 -4.14
N PHE D 230 26.93 -31.75 -5.34
CA PHE D 230 25.64 -32.42 -5.52
C PHE D 230 25.80 -33.94 -5.67
N GLY D 231 26.98 -34.45 -5.30
CA GLY D 231 27.25 -35.89 -5.33
C GLY D 231 26.21 -36.76 -4.63
N HIS D 232 25.56 -36.20 -3.61
CA HIS D 232 24.58 -36.92 -2.80
C HIS D 232 23.16 -36.52 -3.09
N ALA D 233 22.94 -35.90 -4.26
CA ALA D 233 21.62 -35.40 -4.63
C ALA D 233 20.70 -36.48 -5.21
N VAL D 234 19.38 -36.28 -5.06
CA VAL D 234 18.37 -37.17 -5.65
C VAL D 234 17.23 -36.39 -6.33
N CYS D 235 16.80 -36.86 -7.50
CA CYS D 235 15.69 -36.25 -8.22
C CYS D 235 14.38 -36.92 -7.81
N LEU D 236 13.56 -36.18 -7.07
CA LEU D 236 12.29 -36.71 -6.57
C LEU D 236 11.27 -36.85 -7.71
N GLN D 237 10.84 -38.09 -7.95
CA GLN D 237 9.96 -38.42 -9.07
C GLN D 237 8.51 -37.99 -8.85
N PRO D 252 22.26 -41.56 1.39
CA PRO D 252 23.13 -41.26 2.52
C PRO D 252 23.83 -39.90 2.39
N GLY D 253 24.56 -39.50 3.43
CA GLY D 253 25.31 -38.24 3.41
C GLY D 253 26.42 -38.19 4.42
N THR D 254 26.57 -37.04 5.08
CA THR D 254 27.57 -36.86 6.14
C THR D 254 27.11 -37.51 7.44
N THR D 256 26.74 -36.70 10.69
CA THR D 256 26.51 -35.69 11.74
C THR D 256 25.37 -34.74 11.41
N HIS D 257 25.26 -34.36 10.13
CA HIS D 257 24.18 -33.50 9.66
C HIS D 257 23.00 -34.32 9.21
N MET D 258 23.02 -35.59 9.60
CA MET D 258 22.00 -36.57 9.23
C MET D 258 20.69 -36.36 9.98
N ALA D 259 19.57 -36.51 9.28
CA ALA D 259 18.24 -36.41 9.88
C ALA D 259 17.74 -37.79 10.30
N PRO D 260 16.94 -37.86 11.39
CA PRO D 260 16.47 -39.14 11.96
C PRO D 260 15.82 -40.10 10.95
N GLU D 261 14.99 -39.55 10.05
CA GLU D 261 14.30 -40.36 9.04
C GLU D 261 15.25 -41.11 8.10
N VAL D 262 16.47 -40.60 7.96
CA VAL D 262 17.49 -41.21 7.08
C VAL D 262 18.10 -42.46 7.72
N VAL D 263 18.58 -42.31 8.95
CA VAL D 263 19.25 -43.40 9.68
C VAL D 263 18.28 -44.54 10.04
N LEU D 264 17.00 -44.20 10.18
CA LEU D 264 15.95 -45.19 10.46
C LEU D 264 15.55 -45.99 9.21
N GLY D 265 16.01 -45.55 8.04
CA GLY D 265 15.70 -46.22 6.78
C GLY D 265 14.33 -45.85 6.24
N ARG D 266 13.71 -44.85 6.85
CA ARG D 266 12.39 -44.34 6.46
C ARG D 266 12.48 -43.54 5.15
N SER D 267 11.34 -43.40 4.46
CA SER D 267 11.26 -42.59 3.23
C SER D 267 11.61 -41.13 3.48
N CYS D 268 12.20 -40.49 2.49
CA CYS D 268 12.70 -39.13 2.64
C CYS D 268 12.07 -38.11 1.70
N ASP D 269 12.18 -36.84 2.10
CA ASP D 269 11.68 -35.72 1.34
C ASP D 269 12.65 -34.54 1.48
N ALA D 270 12.28 -33.42 0.85
CA ALA D 270 13.08 -32.20 0.87
C ALA D 270 13.47 -31.73 2.27
N LYS D 271 12.79 -32.25 3.28
CA LYS D 271 12.97 -31.85 4.68
C LYS D 271 14.31 -32.24 5.30
N VAL D 272 14.99 -33.22 4.71
CA VAL D 272 16.28 -33.68 5.25
C VAL D 272 17.37 -32.62 5.08
N ASP D 273 17.20 -31.75 4.09
CA ASP D 273 18.08 -30.61 3.88
C ASP D 273 17.88 -29.54 4.95
N VAL D 274 16.63 -29.36 5.38
CA VAL D 274 16.28 -28.39 6.43
C VAL D 274 17.01 -28.70 7.74
N TRP D 275 16.84 -29.93 8.22
CA TRP D 275 17.55 -30.43 9.40
C TRP D 275 19.02 -30.19 9.24
N SER D 276 19.55 -30.52 8.07
CA SER D 276 20.98 -30.38 7.78
C SER D 276 21.43 -28.93 7.79
N SER D 277 20.59 -28.04 7.26
CA SER D 277 20.92 -26.62 7.20
C SER D 277 20.93 -25.97 8.59
N CYS D 278 20.24 -26.62 9.55
CA CYS D 278 20.23 -26.14 10.92
C CYS D 278 21.39 -26.69 11.74
N CYS D 279 21.85 -27.90 11.39
CA CYS D 279 23.09 -28.44 11.94
C CYS D 279 24.26 -27.60 11.47
N MET D 280 24.10 -26.97 10.31
CA MET D 280 25.07 -26.03 9.74
C MET D 280 25.06 -24.72 10.52
N MET D 281 23.87 -24.27 10.90
CA MET D 281 23.74 -23.04 11.68
C MET D 281 24.45 -23.18 13.03
N LEU D 282 24.23 -24.31 13.70
CA LEU D 282 24.88 -24.58 14.98
C LEU D 282 26.39 -24.65 14.83
N HIS D 283 26.83 -25.29 13.75
CA HIS D 283 28.24 -25.35 13.42
C HIS D 283 28.84 -23.99 13.28
N MET D 284 28.10 -23.07 12.66
CA MET D 284 28.56 -21.69 12.46
C MET D 284 28.67 -20.92 13.77
N LEU D 285 27.72 -21.15 14.67
CA LEU D 285 27.69 -20.43 15.93
C LEU D 285 28.60 -21.04 16.99
N ASN D 286 28.46 -22.34 17.22
CA ASN D 286 29.30 -23.07 18.18
C ASN D 286 30.74 -23.21 17.70
N GLY D 287 30.93 -23.43 16.40
CA GLY D 287 32.25 -23.60 15.81
C GLY D 287 32.59 -25.06 15.50
N CYS D 288 31.67 -25.96 15.82
CA CYS D 288 31.86 -27.40 15.58
C CYS D 288 30.54 -28.15 15.33
N HIS D 289 30.65 -29.39 14.84
CA HIS D 289 29.51 -30.21 14.47
C HIS D 289 28.73 -30.72 15.67
N PRO D 290 27.40 -30.80 15.54
CA PRO D 290 26.50 -31.35 16.56
C PRO D 290 26.90 -32.75 17.04
N PRO D 308 16.87 -34.47 19.70
CA PRO D 308 17.38 -33.48 18.75
C PRO D 308 18.52 -32.67 19.36
N PRO D 309 19.56 -32.37 18.56
CA PRO D 309 20.70 -31.56 19.00
C PRO D 309 20.31 -30.13 19.39
N VAL D 310 19.08 -29.95 19.87
CA VAL D 310 18.57 -28.66 20.31
C VAL D 310 19.38 -28.13 21.50
N ARG D 311 19.86 -29.06 22.33
CA ARG D 311 20.66 -28.74 23.52
C ARG D 311 21.96 -27.99 23.22
N GLU D 312 22.42 -28.07 21.97
CA GLU D 312 23.66 -27.40 21.55
C GLU D 312 23.44 -25.94 21.10
N ILE D 313 22.21 -25.44 21.31
CA ILE D 313 21.88 -24.05 20.99
C ILE D 313 22.50 -23.10 22.02
N PRO D 314 23.22 -22.06 21.56
CA PRO D 314 23.84 -21.08 22.46
C PRO D 314 22.81 -20.26 23.24
N PRO D 315 23.08 -20.02 24.55
CA PRO D 315 22.27 -19.11 25.35
C PRO D 315 22.39 -17.66 24.89
N SER D 316 23.48 -17.34 24.19
CA SER D 316 23.72 -15.99 23.66
C SER D 316 22.82 -15.63 22.48
N CYS D 317 22.06 -16.61 22.00
CA CYS D 317 21.16 -16.43 20.86
C CYS D 317 20.02 -15.46 21.16
N ALA D 318 19.53 -14.80 20.10
CA ALA D 318 18.26 -14.10 20.13
C ALA D 318 17.15 -15.15 20.01
N PRO D 319 16.02 -14.94 20.72
CA PRO D 319 14.94 -15.95 20.79
C PRO D 319 14.34 -16.36 19.44
N LEU D 320 14.26 -15.42 18.50
CA LEU D 320 13.72 -15.69 17.17
C LEU D 320 14.66 -16.63 16.40
N THR D 321 15.96 -16.47 16.62
CA THR D 321 16.98 -17.34 16.06
C THR D 321 16.83 -18.75 16.63
N ALA D 322 16.70 -18.84 17.96
CA ALA D 322 16.57 -20.12 18.66
C ALA D 322 15.37 -20.93 18.18
N GLN D 323 14.18 -20.32 18.20
CA GLN D 323 12.96 -20.97 17.77
C GLN D 323 13.07 -21.45 16.32
N ALA D 324 13.58 -20.58 15.45
CA ALA D 324 13.81 -20.91 14.05
C ALA D 324 14.61 -22.20 13.93
N ILE D 325 15.69 -22.29 14.70
CA ILE D 325 16.53 -23.48 14.72
C ILE D 325 15.80 -24.68 15.34
N GLN D 326 15.08 -24.42 16.43
CA GLN D 326 14.33 -25.46 17.15
C GLN D 326 13.27 -26.13 16.27
N GLU D 327 12.53 -25.34 15.51
CA GLU D 327 11.52 -25.86 14.59
C GLU D 327 12.14 -26.49 13.35
N GLY D 328 13.36 -26.07 13.03
CA GLY D 328 14.14 -26.68 11.95
C GLY D 328 14.70 -28.05 12.33
N LEU D 329 14.76 -28.31 13.64
CA LEU D 329 15.29 -29.57 14.16
C LEU D 329 14.22 -30.43 14.84
N ARG D 330 13.10 -30.66 14.15
CA ARG D 330 12.03 -31.50 14.66
C ARG D 330 12.13 -32.89 14.04
N LYS D 331 12.28 -33.90 14.91
CA LYS D 331 12.50 -35.30 14.51
C LYS D 331 11.50 -35.84 13.47
N GLU D 332 10.32 -35.25 13.42
CA GLU D 332 9.31 -35.58 12.41
C GLU D 332 9.37 -34.57 11.27
N PRO D 333 9.58 -35.06 10.03
CA PRO D 333 9.69 -34.22 8.83
C PRO D 333 8.38 -33.50 8.50
N ILE D 334 7.26 -34.14 8.80
CA ILE D 334 5.94 -33.57 8.57
C ILE D 334 5.73 -32.27 9.36
N HIS D 335 6.17 -32.27 10.61
CA HIS D 335 6.06 -31.08 11.47
C HIS D 335 7.22 -30.14 11.33
N ARG D 336 8.30 -30.61 10.68
CA ARG D 336 9.46 -29.78 10.42
C ARG D 336 9.14 -28.74 9.37
N VAL D 337 9.55 -27.50 9.63
CA VAL D 337 9.27 -26.38 8.71
C VAL D 337 10.03 -26.52 7.38
N SER D 338 9.46 -25.99 6.31
CA SER D 338 10.06 -26.09 4.98
C SER D 338 11.16 -25.04 4.79
N ALA D 339 11.97 -25.24 3.75
CA ALA D 339 13.02 -24.30 3.38
C ALA D 339 12.52 -22.86 3.33
N ALA D 340 11.43 -22.64 2.60
CA ALA D 340 10.79 -21.33 2.46
C ALA D 340 10.27 -20.76 3.78
N GLU D 341 9.63 -21.63 4.58
CA GLU D 341 9.14 -21.27 5.91
C GLU D 341 10.28 -20.69 6.74
N LEU D 342 11.37 -21.47 6.83
CA LEU D 342 12.53 -21.12 7.62
C LEU D 342 13.30 -19.94 7.02
N GLY D 343 13.30 -19.85 5.70
CA GLY D 343 13.87 -18.70 4.99
C GLY D 343 13.17 -17.41 5.37
N GLY D 344 11.88 -17.50 5.63
CA GLY D 344 11.11 -16.37 6.14
C GLY D 344 11.49 -16.01 7.56
N LYS D 345 11.50 -17.01 8.43
CA LYS D 345 11.77 -16.82 9.86
C LYS D 345 13.20 -16.37 10.16
N VAL D 346 14.16 -16.85 9.36
CA VAL D 346 15.57 -16.48 9.47
C VAL D 346 15.79 -15.01 9.13
N ASN D 347 15.13 -14.55 8.07
CA ASN D 347 15.20 -13.15 7.65
C ASN D 347 14.62 -12.20 8.71
N ARG D 348 13.54 -12.63 9.35
CA ARG D 348 12.94 -11.90 10.46
C ARG D 348 13.95 -11.81 11.60
N ALA D 349 14.60 -12.94 11.88
CA ALA D 349 15.60 -13.02 12.95
C ALA D 349 16.84 -12.18 12.62
N LEU D 350 17.09 -11.99 11.34
CA LEU D 350 18.22 -11.17 10.88
C LEU D 350 17.93 -9.69 11.11
N GLN D 351 16.68 -9.31 10.89
CA GLN D 351 16.23 -7.94 11.10
C GLN D 351 16.30 -7.55 12.58
N GLN D 352 15.96 -8.50 13.45
CA GLN D 352 15.91 -8.27 14.90
C GLN D 352 17.28 -7.92 15.50
N VAL D 353 18.34 -8.56 15.00
CA VAL D 353 19.69 -8.32 15.51
C VAL D 353 20.34 -7.04 14.95
N GLY D 354 19.52 -6.02 14.74
CA GLY D 354 19.98 -4.72 14.26
C GLY D 354 20.51 -4.71 12.83
N GLY D 355 20.13 -5.72 12.06
CA GLY D 355 20.64 -5.90 10.71
C GLY D 355 22.01 -6.55 10.69
N LEU D 356 22.63 -6.61 9.51
CA LEU D 356 23.94 -7.20 9.33
C LEU D 356 25.05 -6.28 9.89
N LYS D 357 25.31 -6.41 11.18
CA LYS D 357 26.21 -5.52 11.91
C LYS D 357 27.68 -5.95 11.91
N SER D 358 27.96 -7.10 11.29
CA SER D 358 29.33 -7.61 11.16
C SER D 358 29.81 -7.52 9.72
MG MG E . -30.08 22.83 -1.08
MG MG F . -1.56 -4.29 38.77
MG MG G . 32.92 -32.21 0.46
#